data_4BXL
#
_entry.id   4BXL
#
_cell.length_a   1.000
_cell.length_b   1.000
_cell.length_c   1.000
_cell.angle_alpha   90.00
_cell.angle_beta   90.00
_cell.angle_gamma   90.00
#
_symmetry.space_group_name_H-M   'P 1'
#
loop_
_entity.id
_entity.type
_entity.pdbx_description
1 polymer AS69
2 polymer 'ALPHA SYNUCLEIN'
#
loop_
_entity_poly.entity_id
_entity_poly.type
_entity_poly.pdbx_seq_one_letter_code
_entity_poly.pdbx_strand_id
1 'polypeptide(L)' DGEIFYLPNLNPDQLCAFFHSVHDDPSQSANLLAEAKKLNDAQAPK A,B
2 'polypeptide(L)' EGVLYVGSKTKEGVVHGVATVA C
#
# COMPACT_ATOMS: atom_id res chain seq x y z
N ASP A 1 -16.28 -7.86 -2.41
CA ASP A 1 -15.12 -8.29 -1.60
C ASP A 1 -14.11 -7.16 -1.47
N GLY A 2 -14.36 -6.26 -0.52
CA GLY A 2 -13.52 -5.11 -0.33
C GLY A 2 -13.54 -4.11 -1.44
N GLU A 3 -13.30 -2.89 -1.02
CA GLU A 3 -13.10 -1.77 -1.88
C GLU A 3 -11.73 -1.19 -1.64
N ILE A 4 -11.41 -0.21 -2.43
CA ILE A 4 -10.10 0.41 -2.39
C ILE A 4 -10.16 1.84 -1.87
N PHE A 5 -9.14 2.19 -1.12
CA PHE A 5 -8.94 3.54 -0.61
C PHE A 5 -7.47 3.91 -0.74
N TYR A 6 -7.16 4.83 -1.64
CA TYR A 6 -5.77 5.20 -1.86
C TYR A 6 -5.32 6.28 -0.89
N LEU A 7 -4.09 6.16 -0.41
CA LEU A 7 -3.51 7.16 0.48
C LEU A 7 -2.22 7.68 -0.11
N PRO A 8 -2.29 8.46 -1.20
CA PRO A 8 -1.09 8.95 -1.89
C PRO A 8 -0.45 10.12 -1.16
N ASN A 9 -1.00 10.44 -0.01
CA ASN A 9 -0.59 11.62 0.73
C ASN A 9 0.38 11.23 1.81
N LEU A 10 0.19 10.02 2.30
CA LEU A 10 0.89 9.53 3.46
C LEU A 10 2.28 9.07 3.05
N ASN A 11 3.30 9.51 3.78
CA ASN A 11 4.67 9.16 3.44
C ASN A 11 4.91 7.68 3.76
N PRO A 12 5.97 7.07 3.19
CA PRO A 12 6.28 5.66 3.41
C PRO A 12 6.12 5.20 4.86
N ASP A 13 6.52 6.05 5.80
CA ASP A 13 6.48 5.68 7.22
C ASP A 13 5.03 5.55 7.69
N GLN A 14 4.22 6.55 7.34
CA GLN A 14 2.79 6.53 7.65
C GLN A 14 2.13 5.36 6.95
N LEU A 15 2.37 5.30 5.65
CA LEU A 15 1.79 4.29 4.78
C LEU A 15 2.10 2.87 5.28
N CYS A 16 3.37 2.63 5.60
CA CYS A 16 3.79 1.33 6.13
C CYS A 16 3.18 1.09 7.50
N ALA A 17 3.03 2.17 8.27
CA ALA A 17 2.52 2.07 9.63
C ALA A 17 1.07 1.59 9.66
N PHE A 18 0.32 1.94 8.62
CA PHE A 18 -1.08 1.53 8.56
C PHE A 18 -1.22 0.01 8.64
N PHE A 19 -0.57 -0.70 7.72
CA PHE A 19 -0.75 -2.14 7.67
C PHE A 19 0.02 -2.83 8.78
N HIS A 20 1.00 -2.14 9.35
CA HIS A 20 1.83 -2.71 10.40
C HIS A 20 0.97 -3.09 11.60
N SER A 21 0.02 -2.23 11.93
CA SER A 21 -0.93 -2.49 13.00
C SER A 21 -1.95 -3.51 12.55
N VAL A 22 -2.38 -3.32 11.31
CA VAL A 22 -3.38 -4.16 10.67
C VAL A 22 -2.95 -5.61 10.60
N HIS A 23 -1.79 -5.84 10.04
CA HIS A 23 -1.33 -7.20 9.76
C HIS A 23 -1.07 -7.96 11.05
N ASP A 24 -0.71 -7.24 12.09
CA ASP A 24 -0.54 -7.82 13.42
C ASP A 24 -1.86 -8.40 13.93
N ASP A 25 -2.96 -7.84 13.45
CA ASP A 25 -4.29 -8.17 13.94
C ASP A 25 -5.33 -7.56 13.01
N PRO A 26 -5.69 -8.28 11.94
CA PRO A 26 -6.53 -7.77 10.85
C PRO A 26 -7.94 -7.36 11.28
N SER A 27 -8.24 -7.46 12.57
CA SER A 27 -9.54 -7.05 13.09
C SER A 27 -9.67 -5.53 13.12
N GLN A 28 -8.55 -4.84 13.35
CA GLN A 28 -8.57 -3.38 13.49
C GLN A 28 -8.34 -2.70 12.16
N SER A 29 -8.10 -3.51 11.15
CA SER A 29 -7.90 -3.08 9.77
C SER A 29 -8.87 -1.96 9.35
N ALA A 30 -10.17 -2.21 9.49
CA ALA A 30 -11.19 -1.21 9.13
C ALA A 30 -10.96 0.11 9.86
N ASN A 31 -10.58 0.00 11.12
CA ASN A 31 -10.29 1.16 11.97
C ASN A 31 -9.03 1.85 11.49
N LEU A 32 -8.07 1.02 11.14
CA LEU A 32 -6.75 1.47 10.79
C LEU A 32 -6.77 2.17 9.45
N LEU A 33 -7.46 1.51 8.55
CA LEU A 33 -7.75 1.99 7.22
C LEU A 33 -8.41 3.36 7.33
N ALA A 34 -9.36 3.47 8.25
CA ALA A 34 -10.02 4.72 8.56
C ALA A 34 -9.03 5.83 8.90
N GLU A 35 -8.12 5.56 9.82
CA GLU A 35 -7.11 6.52 10.26
C GLU A 35 -6.17 6.82 9.10
N ALA A 36 -6.03 5.85 8.21
CA ALA A 36 -5.28 6.03 6.98
C ALA A 36 -6.02 7.01 6.07
N LYS A 37 -7.33 6.82 5.97
CA LYS A 37 -8.20 7.65 5.15
C LYS A 37 -8.23 9.04 5.75
N LYS A 38 -8.45 9.01 7.04
CA LYS A 38 -8.50 10.17 7.89
C LYS A 38 -7.19 10.94 7.86
N LEU A 39 -6.09 10.21 7.87
CA LEU A 39 -4.76 10.79 7.72
C LEU A 39 -4.60 11.41 6.36
N ASN A 40 -4.91 10.62 5.36
CA ASN A 40 -4.91 11.06 3.96
C ASN A 40 -5.67 12.37 3.84
N ASP A 41 -6.74 12.45 4.59
CA ASP A 41 -7.61 13.60 4.62
C ASP A 41 -7.01 14.71 5.47
N ALA A 42 -6.36 14.29 6.55
CA ALA A 42 -5.86 15.20 7.55
C ALA A 42 -4.76 16.07 6.98
N GLN A 43 -3.89 15.45 6.22
CA GLN A 43 -2.75 16.16 5.70
C GLN A 43 -2.88 16.49 4.23
N ALA A 44 -3.67 15.67 3.52
CA ALA A 44 -3.90 15.74 2.06
C ALA A 44 -3.19 16.89 1.33
N PRO A 45 -1.87 16.74 1.11
CA PRO A 45 -1.10 17.68 0.29
C PRO A 45 -1.55 17.67 -1.16
N LYS A 46 -1.96 18.82 -1.66
CA LYS A 46 -2.37 18.96 -3.04
C LYS A 46 -1.18 19.43 -3.88
N ASP B 1 -2.48 3.79 -17.73
CA ASP B 1 -2.73 4.51 -16.45
C ASP B 1 -3.70 3.71 -15.59
N GLY B 2 -3.53 3.83 -14.27
CA GLY B 2 -4.40 3.14 -13.33
C GLY B 2 -4.41 1.63 -13.51
N GLU B 3 -3.23 1.03 -13.61
CA GLU B 3 -3.14 -0.42 -13.67
C GLU B 3 -2.97 -0.96 -12.26
N ILE B 4 -4.07 -1.39 -11.65
CA ILE B 4 -4.05 -1.82 -10.27
C ILE B 4 -3.25 -3.10 -10.09
N PHE B 5 -2.52 -3.15 -8.98
CA PHE B 5 -1.72 -4.30 -8.62
C PHE B 5 -1.86 -4.58 -7.13
N TYR B 6 -2.07 -5.84 -6.78
CA TYR B 6 -2.31 -6.22 -5.39
C TYR B 6 -1.08 -6.87 -4.80
N LEU B 7 -0.79 -6.52 -3.55
CA LEU B 7 0.33 -7.07 -2.82
C LEU B 7 -0.16 -7.74 -1.53
N PRO B 8 -0.97 -8.81 -1.65
CA PRO B 8 -1.63 -9.47 -0.52
C PRO B 8 -0.66 -10.27 0.34
N ASN B 9 0.36 -10.79 -0.30
CA ASN B 9 1.25 -11.73 0.32
C ASN B 9 2.41 -11.01 0.98
N LEU B 10 2.61 -9.76 0.62
CA LEU B 10 3.62 -8.94 1.26
C LEU B 10 3.15 -8.39 2.56
N ASN B 11 4.07 -8.35 3.49
CA ASN B 11 3.79 -7.86 4.83
C ASN B 11 4.23 -6.42 4.90
N PRO B 12 3.75 -5.65 5.89
CA PRO B 12 4.12 -4.25 6.06
C PRO B 12 5.61 -3.99 5.77
N ASP B 13 6.45 -4.87 6.29
CA ASP B 13 7.90 -4.67 6.20
C ASP B 13 8.41 -4.93 4.79
N GLN B 14 7.76 -5.88 4.11
CA GLN B 14 8.11 -6.22 2.74
C GLN B 14 7.82 -5.02 1.84
N LEU B 15 6.61 -4.50 2.02
CA LEU B 15 6.14 -3.31 1.33
C LEU B 15 6.96 -2.06 1.69
N CYS B 16 7.53 -2.02 2.90
CA CYS B 16 8.28 -0.86 3.39
C CYS B 16 9.34 -0.39 2.39
N ALA B 17 10.10 -1.33 1.85
CA ALA B 17 11.18 -1.02 0.92
C ALA B 17 10.64 -0.41 -0.35
N PHE B 18 9.50 -0.92 -0.79
CA PHE B 18 8.86 -0.47 -2.01
C PHE B 18 8.60 1.04 -1.94
N PHE B 19 7.85 1.50 -0.94
CA PHE B 19 7.60 2.93 -0.77
C PHE B 19 8.91 3.68 -0.74
N HIS B 20 9.88 3.13 -0.03
CA HIS B 20 11.15 3.82 0.20
C HIS B 20 11.85 4.10 -1.12
N SER B 21 11.87 3.12 -2.00
CA SER B 21 12.45 3.31 -3.31
C SER B 21 11.54 4.19 -4.18
N VAL B 22 10.25 4.03 -3.97
CA VAL B 22 9.21 4.67 -4.77
C VAL B 22 9.09 6.16 -4.44
N HIS B 23 9.12 6.50 -3.16
CA HIS B 23 8.96 7.89 -2.74
C HIS B 23 10.29 8.61 -2.89
N ASP B 24 11.37 7.90 -2.61
CA ASP B 24 12.71 8.44 -2.79
C ASP B 24 13.02 8.56 -4.28
N ASP B 25 12.56 7.60 -5.07
CA ASP B 25 12.79 7.68 -6.51
C ASP B 25 11.57 7.29 -7.32
N PRO B 26 10.64 8.26 -7.50
CA PRO B 26 9.43 8.08 -8.33
C PRO B 26 9.76 7.76 -9.78
N SER B 27 11.01 8.02 -10.17
CA SER B 27 11.46 7.83 -11.53
C SER B 27 11.46 6.36 -11.92
N GLN B 28 11.38 5.48 -10.92
CA GLN B 28 11.38 4.06 -11.19
C GLN B 28 10.22 3.33 -10.56
N SER B 29 9.18 4.05 -10.18
CA SER B 29 7.99 3.44 -9.58
C SER B 29 7.55 2.16 -10.32
N ALA B 30 7.83 2.07 -11.63
CA ALA B 30 7.53 0.85 -12.38
C ALA B 30 8.58 -0.24 -12.14
N ASN B 31 9.86 0.12 -12.16
CA ASN B 31 10.93 -0.83 -11.85
C ASN B 31 10.81 -1.24 -10.38
N LEU B 32 10.41 -0.28 -9.58
CA LEU B 32 10.09 -0.50 -8.18
C LEU B 32 8.88 -1.42 -8.06
N LEU B 33 7.88 -1.16 -8.91
CA LEU B 33 6.68 -1.99 -8.99
C LEU B 33 7.10 -3.42 -9.15
N ALA B 34 7.99 -3.61 -10.09
CA ALA B 34 8.56 -4.89 -10.39
C ALA B 34 9.08 -5.58 -9.16
N GLU B 35 9.72 -4.82 -8.28
CA GLU B 35 10.37 -5.37 -7.10
C GLU B 35 9.35 -5.79 -6.05
N ALA B 36 8.29 -5.02 -5.89
CA ALA B 36 7.26 -5.33 -4.91
C ALA B 36 6.47 -6.52 -5.39
N LYS B 37 6.24 -6.53 -6.69
CA LYS B 37 5.54 -7.61 -7.32
C LYS B 37 6.46 -8.82 -7.40
N LYS B 38 7.76 -8.53 -7.45
CA LYS B 38 8.80 -9.54 -7.36
C LYS B 38 8.82 -10.16 -5.98
N LEU B 39 8.74 -9.32 -4.98
CA LEU B 39 8.74 -9.73 -3.59
C LEU B 39 7.46 -10.46 -3.27
N ASN B 40 6.38 -9.92 -3.78
CA ASN B 40 5.07 -10.54 -3.67
C ASN B 40 5.05 -11.83 -4.44
N ASP B 41 5.94 -11.92 -5.41
CA ASP B 41 6.16 -13.14 -6.16
C ASP B 41 7.09 -14.08 -5.40
N ALA B 42 8.04 -13.49 -4.69
CA ALA B 42 9.13 -14.24 -4.07
C ALA B 42 8.64 -15.11 -2.92
N GLN B 43 7.80 -14.52 -2.10
CA GLN B 43 7.36 -15.16 -0.87
C GLN B 43 5.98 -15.76 -1.05
N ALA B 44 5.38 -15.42 -2.18
CA ALA B 44 4.03 -15.83 -2.52
C ALA B 44 3.76 -17.33 -2.32
N PRO B 45 4.60 -18.22 -2.88
CA PRO B 45 4.35 -19.65 -2.81
C PRO B 45 4.78 -20.22 -1.46
N LYS B 46 3.82 -20.35 -0.57
CA LYS B 46 4.06 -20.79 0.80
C LYS B 46 4.44 -22.27 0.82
N GLU C 1 -11.96 -9.90 6.35
CA GLU C 1 -11.63 -9.24 7.63
C GLU C 1 -10.19 -8.76 7.58
N GLY C 2 -9.97 -7.64 6.90
CA GLY C 2 -8.64 -7.09 6.78
C GLY C 2 -8.57 -6.04 5.70
N VAL C 3 -7.36 -5.59 5.41
CA VAL C 3 -7.13 -4.64 4.33
C VAL C 3 -5.99 -5.18 3.45
N LEU C 4 -6.13 -5.03 2.16
CA LEU C 4 -5.12 -5.48 1.22
C LEU C 4 -4.33 -4.31 0.66
N TYR C 5 -3.01 -4.44 0.65
CA TYR C 5 -2.16 -3.45 0.04
C TYR C 5 -2.34 -3.52 -1.45
N VAL C 6 -2.89 -2.47 -2.00
CA VAL C 6 -3.04 -2.38 -3.44
C VAL C 6 -2.39 -1.13 -3.98
N GLY C 7 -1.92 -1.22 -5.19
CA GLY C 7 -1.36 -0.08 -5.85
C GLY C 7 -2.01 0.14 -7.18
N SER C 8 -1.83 1.30 -7.75
CA SER C 8 -2.41 1.60 -9.04
C SER C 8 -1.36 2.27 -9.90
N LYS C 9 -1.10 1.65 -11.02
CA LYS C 9 -0.04 2.06 -11.91
C LYS C 9 -0.51 3.18 -12.84
N THR C 10 -0.14 4.40 -12.51
CA THR C 10 -0.76 5.58 -13.13
C THR C 10 0.27 6.59 -13.67
N LYS C 11 -0.13 7.86 -13.75
CA LYS C 11 0.74 8.95 -14.22
C LYS C 11 1.98 9.08 -13.36
N GLU C 12 1.79 9.16 -12.04
CA GLU C 12 2.90 9.19 -11.11
C GLU C 12 3.54 7.82 -11.10
N GLY C 13 2.69 6.83 -11.26
CA GLY C 13 3.09 5.51 -11.67
C GLY C 13 2.91 4.48 -10.60
N VAL C 14 2.85 4.87 -9.34
CA VAL C 14 2.50 3.93 -8.28
C VAL C 14 1.86 4.68 -7.13
N VAL C 15 0.64 4.32 -6.81
CA VAL C 15 -0.03 4.85 -5.64
C VAL C 15 -0.28 3.73 -4.65
N HIS C 16 -0.18 4.03 -3.38
CA HIS C 16 -0.37 3.04 -2.35
C HIS C 16 -1.76 3.19 -1.76
N GLY C 17 -2.60 2.22 -2.05
CA GLY C 17 -3.95 2.24 -1.54
C GLY C 17 -4.26 0.98 -0.78
N VAL C 18 -5.51 0.81 -0.43
CA VAL C 18 -5.89 -0.33 0.36
C VAL C 18 -7.22 -0.89 -0.08
N ALA C 19 -7.26 -2.20 -0.22
CA ALA C 19 -8.49 -2.87 -0.54
C ALA C 19 -9.00 -3.53 0.71
N THR C 20 -10.03 -2.96 1.28
CA THR C 20 -10.50 -3.37 2.59
C THR C 20 -11.49 -4.50 2.48
N VAL C 21 -11.09 -5.67 2.91
CA VAL C 21 -11.89 -6.86 2.71
C VAL C 21 -12.65 -7.23 3.98
N ALA C 22 -13.95 -7.34 3.85
CA ALA C 22 -14.84 -7.59 4.96
C ALA C 22 -15.22 -9.07 5.01
N ASP A 1 -17.13 -4.76 -1.59
CA ASP A 1 -16.42 -6.04 -1.36
C ASP A 1 -14.98 -5.92 -1.84
N GLY A 2 -14.05 -5.84 -0.90
CA GLY A 2 -12.65 -5.65 -1.23
C GLY A 2 -12.43 -4.34 -1.96
N GLU A 3 -12.86 -3.25 -1.35
CA GLU A 3 -12.87 -1.95 -2.00
C GLU A 3 -11.61 -1.18 -1.66
N ILE A 4 -11.18 -0.35 -2.59
CA ILE A 4 -9.88 0.32 -2.48
C ILE A 4 -10.02 1.73 -1.96
N PHE A 5 -9.02 2.12 -1.19
CA PHE A 5 -8.88 3.47 -0.69
C PHE A 5 -7.42 3.89 -0.81
N TYR A 6 -7.12 4.79 -1.73
CA TYR A 6 -5.73 5.20 -1.94
C TYR A 6 -5.34 6.29 -0.95
N LEU A 7 -4.11 6.23 -0.49
CA LEU A 7 -3.58 7.25 0.41
C LEU A 7 -2.31 7.83 -0.18
N PRO A 8 -2.41 8.61 -1.25
CA PRO A 8 -1.24 9.16 -1.94
C PRO A 8 -0.69 10.36 -1.21
N ASN A 9 -1.24 10.63 -0.04
CA ASN A 9 -0.87 11.81 0.72
C ASN A 9 0.09 11.42 1.80
N LEU A 10 0.00 10.18 2.19
CA LEU A 10 0.69 9.67 3.35
C LEU A 10 2.11 9.26 2.97
N ASN A 11 3.04 9.44 3.88
CA ASN A 11 4.41 9.01 3.65
C ASN A 11 4.52 7.51 3.61
N PRO A 12 5.62 6.99 3.08
CA PRO A 12 5.97 5.58 3.18
C PRO A 12 5.91 5.10 4.64
N ASP A 13 6.35 5.97 5.55
CA ASP A 13 6.32 5.67 6.97
C ASP A 13 4.90 5.38 7.41
N GLN A 14 4.00 6.27 7.02
CA GLN A 14 2.59 6.17 7.37
C GLN A 14 1.96 4.95 6.70
N LEU A 15 2.16 4.86 5.39
CA LEU A 15 1.66 3.73 4.60
C LEU A 15 2.12 2.39 5.20
N CYS A 16 3.38 2.33 5.61
CA CYS A 16 3.93 1.14 6.24
C CYS A 16 3.27 0.89 7.59
N ALA A 17 3.17 1.95 8.38
CA ALA A 17 2.64 1.85 9.74
C ALA A 17 1.18 1.41 9.75
N PHE A 18 0.43 1.79 8.71
CA PHE A 18 -0.98 1.43 8.65
C PHE A 18 -1.16 -0.08 8.74
N PHE A 19 -0.54 -0.83 7.84
CA PHE A 19 -0.74 -2.27 7.82
C PHE A 19 0.06 -2.93 8.95
N HIS A 20 1.05 -2.21 9.45
CA HIS A 20 1.89 -2.72 10.54
C HIS A 20 1.02 -3.01 11.76
N SER A 21 0.05 -2.14 11.99
CA SER A 21 -0.90 -2.31 13.06
C SER A 21 -1.93 -3.36 12.67
N VAL A 22 -2.35 -3.25 11.43
CA VAL A 22 -3.39 -4.09 10.86
C VAL A 22 -3.02 -5.55 10.85
N HIS A 23 -1.88 -5.86 10.27
CA HIS A 23 -1.52 -7.25 10.03
C HIS A 23 -1.27 -7.98 11.34
N ASP A 24 -0.83 -7.25 12.35
CA ASP A 24 -0.65 -7.81 13.68
C ASP A 24 -1.98 -8.28 14.26
N ASP A 25 -3.06 -7.68 13.79
CA ASP A 25 -4.40 -7.95 14.32
C ASP A 25 -5.44 -7.30 13.41
N PRO A 26 -5.92 -8.04 12.41
CA PRO A 26 -6.80 -7.49 11.37
C PRO A 26 -8.17 -7.04 11.89
N SER A 27 -8.38 -7.16 13.19
CA SER A 27 -9.63 -6.75 13.81
C SER A 27 -9.74 -5.23 13.91
N GLN A 28 -8.62 -4.53 13.66
CA GLN A 28 -8.61 -3.07 13.70
C GLN A 28 -8.41 -2.47 12.31
N SER A 29 -8.19 -3.35 11.36
CA SER A 29 -7.98 -3.02 9.96
C SER A 29 -8.92 -1.92 9.46
N ALA A 30 -10.22 -2.08 9.67
CA ALA A 30 -11.21 -1.10 9.22
C ALA A 30 -10.96 0.26 9.88
N ASN A 31 -10.60 0.21 11.15
CA ASN A 31 -10.29 1.41 11.93
C ASN A 31 -9.02 2.04 11.41
N LEU A 32 -8.07 1.17 11.12
CA LEU A 32 -6.74 1.57 10.75
C LEU A 32 -6.77 2.21 9.38
N LEU A 33 -7.48 1.55 8.52
CA LEU A 33 -7.78 1.99 7.18
C LEU A 33 -8.48 3.35 7.26
N ALA A 34 -9.43 3.45 8.17
CA ALA A 34 -10.13 4.69 8.45
C ALA A 34 -9.16 5.82 8.81
N GLU A 35 -8.26 5.55 9.75
CA GLU A 35 -7.27 6.52 10.18
C GLU A 35 -6.31 6.81 9.06
N ALA A 36 -6.14 5.85 8.16
CA ALA A 36 -5.39 6.06 6.93
C ALA A 36 -6.14 7.04 6.03
N LYS A 37 -7.45 6.83 5.92
CA LYS A 37 -8.33 7.68 5.10
C LYS A 37 -8.37 9.06 5.71
N LYS A 38 -8.53 9.02 7.01
CA LYS A 38 -8.56 10.17 7.87
C LYS A 38 -7.24 10.91 7.85
N LEU A 39 -6.16 10.16 7.81
CA LEU A 39 -4.81 10.72 7.69
C LEU A 39 -4.63 11.39 6.36
N ASN A 40 -4.99 10.64 5.33
CA ASN A 40 -5.00 11.13 3.96
C ASN A 40 -5.71 12.46 3.89
N ASP A 41 -6.76 12.55 4.67
CA ASP A 41 -7.59 13.73 4.77
C ASP A 41 -6.95 14.77 5.67
N ALA A 42 -6.35 14.29 6.74
CA ALA A 42 -5.84 15.12 7.81
C ALA A 42 -4.73 16.00 7.32
N GLN A 43 -3.86 15.41 6.52
CA GLN A 43 -2.68 16.13 6.06
C GLN A 43 -2.77 16.51 4.58
N ALA A 44 -3.56 15.73 3.81
CA ALA A 44 -3.75 15.90 2.36
C ALA A 44 -3.02 17.08 1.73
N PRO A 45 -1.70 16.93 1.50
CA PRO A 45 -0.91 17.91 0.74
C PRO A 45 -1.29 17.91 -0.74
N LYS A 46 -2.21 18.78 -1.11
CA LYS A 46 -2.63 18.89 -2.49
C LYS A 46 -3.39 20.19 -2.72
N ASP B 1 -3.82 5.15 -17.85
CA ASP B 1 -3.07 4.92 -16.59
C ASP B 1 -3.98 4.25 -15.57
N GLY B 2 -3.54 4.16 -14.31
CA GLY B 2 -4.32 3.49 -13.28
C GLY B 2 -4.45 1.98 -13.50
N GLU B 3 -3.32 1.26 -13.45
CA GLU B 3 -3.35 -0.19 -13.52
C GLU B 3 -3.13 -0.77 -12.14
N ILE B 4 -4.17 -1.29 -11.52
CA ILE B 4 -4.08 -1.77 -10.16
C ILE B 4 -3.22 -3.02 -10.05
N PHE B 5 -2.47 -3.10 -8.96
CA PHE B 5 -1.67 -4.26 -8.64
C PHE B 5 -1.75 -4.56 -7.14
N TYR B 6 -1.97 -5.82 -6.81
CA TYR B 6 -2.19 -6.21 -5.43
C TYR B 6 -0.97 -6.87 -4.82
N LEU B 7 -0.71 -6.53 -3.57
CA LEU B 7 0.44 -7.05 -2.83
C LEU B 7 -0.03 -7.73 -1.54
N PRO B 8 -0.88 -8.78 -1.63
CA PRO B 8 -1.50 -9.42 -0.46
C PRO B 8 -0.53 -10.26 0.35
N ASN B 9 0.44 -10.85 -0.33
CA ASN B 9 1.36 -11.74 0.34
C ASN B 9 2.51 -10.96 0.96
N LEU B 10 2.67 -9.71 0.52
CA LEU B 10 3.68 -8.87 1.11
C LEU B 10 3.20 -8.30 2.41
N ASN B 11 4.07 -8.39 3.38
CA ASN B 11 3.78 -7.91 4.71
C ASN B 11 4.21 -6.47 4.83
N PRO B 12 3.72 -5.72 5.83
CA PRO B 12 4.08 -4.32 6.04
C PRO B 12 5.56 -4.07 5.80
N ASP B 13 6.39 -4.96 6.32
CA ASP B 13 7.84 -4.80 6.26
C ASP B 13 8.36 -5.06 4.84
N GLN B 14 7.67 -5.93 4.11
CA GLN B 14 8.04 -6.26 2.75
C GLN B 14 7.76 -5.07 1.85
N LEU B 15 6.56 -4.56 2.00
CA LEU B 15 6.10 -3.35 1.32
C LEU B 15 6.95 -2.14 1.69
N CYS B 16 7.55 -2.15 2.89
CA CYS B 16 8.35 -1.02 3.39
C CYS B 16 9.40 -0.56 2.37
N ALA B 17 10.06 -1.52 1.75
CA ALA B 17 11.11 -1.21 0.79
C ALA B 17 10.53 -0.58 -0.47
N PHE B 18 9.40 -1.12 -0.92
CA PHE B 18 8.80 -0.72 -2.18
C PHE B 18 8.48 0.78 -2.21
N PHE B 19 7.67 1.26 -1.29
CA PHE B 19 7.32 2.67 -1.27
C PHE B 19 8.47 3.53 -0.76
N HIS B 20 9.46 2.90 -0.16
CA HIS B 20 10.66 3.62 0.24
C HIS B 20 11.47 3.99 -1.00
N SER B 21 11.63 3.03 -1.90
CA SER B 21 12.34 3.27 -3.16
C SER B 21 11.51 4.14 -4.08
N VAL B 22 10.20 3.96 -4.00
CA VAL B 22 9.24 4.63 -4.84
C VAL B 22 9.07 6.09 -4.43
N HIS B 23 9.06 6.36 -3.13
CA HIS B 23 9.00 7.74 -2.64
C HIS B 23 10.35 8.42 -2.83
N ASP B 24 11.40 7.69 -2.49
CA ASP B 24 12.76 8.19 -2.68
C ASP B 24 13.03 8.42 -4.16
N ASP B 25 12.58 7.50 -5.01
CA ASP B 25 12.79 7.67 -6.45
C ASP B 25 11.55 7.28 -7.23
N PRO B 26 10.60 8.23 -7.36
CA PRO B 26 9.37 8.02 -8.14
C PRO B 26 9.61 7.79 -9.63
N SER B 27 10.85 8.03 -10.07
CA SER B 27 11.20 7.92 -11.48
C SER B 27 11.18 6.47 -11.94
N GLN B 28 11.22 5.55 -10.99
CA GLN B 28 11.27 4.13 -11.32
C GLN B 28 10.15 3.35 -10.69
N SER B 29 9.09 4.02 -10.32
CA SER B 29 7.92 3.37 -9.72
C SER B 29 7.52 2.07 -10.45
N ALA B 30 7.80 1.99 -11.75
CA ALA B 30 7.52 0.77 -12.51
C ALA B 30 8.58 -0.30 -12.29
N ASN B 31 9.85 0.09 -12.29
CA ASN B 31 10.93 -0.85 -11.99
C ASN B 31 10.84 -1.26 -10.53
N LEU B 32 10.46 -0.29 -9.73
CA LEU B 32 10.13 -0.51 -8.33
C LEU B 32 8.92 -1.43 -8.21
N LEU B 33 7.92 -1.20 -9.08
CA LEU B 33 6.71 -2.02 -9.13
C LEU B 33 7.12 -3.46 -9.26
N ALA B 34 7.99 -3.68 -10.22
CA ALA B 34 8.56 -4.97 -10.50
C ALA B 34 9.11 -5.61 -9.24
N GLU B 35 9.75 -4.82 -8.39
CA GLU B 35 10.43 -5.34 -7.21
C GLU B 35 9.44 -5.74 -6.13
N ALA B 36 8.36 -5.01 -6.01
CA ALA B 36 7.33 -5.33 -5.02
C ALA B 36 6.59 -6.55 -5.47
N LYS B 37 6.33 -6.58 -6.75
CA LYS B 37 5.64 -7.69 -7.36
C LYS B 37 6.60 -8.88 -7.44
N LYS B 38 7.88 -8.57 -7.52
CA LYS B 38 8.98 -9.54 -7.41
C LYS B 38 9.08 -10.09 -6.00
N LEU B 39 8.92 -9.21 -5.04
CA LEU B 39 8.92 -9.58 -3.64
C LEU B 39 7.67 -10.37 -3.34
N ASN B 40 6.60 -9.93 -3.93
CA ASN B 40 5.39 -10.70 -3.98
C ASN B 40 5.73 -12.06 -4.53
N ASP B 41 6.41 -12.06 -5.65
CA ASP B 41 6.81 -13.28 -6.34
C ASP B 41 7.73 -14.11 -5.48
N ALA B 42 8.47 -13.42 -4.62
CA ALA B 42 9.50 -14.06 -3.83
C ALA B 42 8.89 -14.93 -2.75
N GLN B 43 7.81 -14.42 -2.16
CA GLN B 43 7.24 -15.03 -0.98
C GLN B 43 5.86 -15.61 -1.25
N ALA B 44 5.25 -15.19 -2.36
CA ALA B 44 3.91 -15.61 -2.73
C ALA B 44 3.76 -17.14 -2.78
N PRO B 45 4.63 -17.85 -3.52
CA PRO B 45 4.54 -19.30 -3.66
C PRO B 45 5.18 -20.01 -2.47
N LYS B 46 4.57 -21.11 -2.07
CA LYS B 46 5.05 -21.86 -0.92
C LYS B 46 6.12 -22.85 -1.32
N GLU C 1 -11.99 -10.09 6.27
CA GLU C 1 -10.57 -10.45 6.47
C GLU C 1 -9.80 -9.27 7.04
N GLY C 2 -9.66 -8.22 6.25
CA GLY C 2 -8.90 -7.06 6.69
C GLY C 2 -8.66 -6.08 5.57
N VAL C 3 -7.46 -5.53 5.49
CA VAL C 3 -7.11 -4.60 4.43
C VAL C 3 -5.96 -5.17 3.61
N LEU C 4 -5.98 -4.91 2.32
CA LEU C 4 -4.94 -5.38 1.42
C LEU C 4 -4.15 -4.21 0.84
N TYR C 5 -2.82 -4.32 0.82
CA TYR C 5 -1.98 -3.31 0.22
C TYR C 5 -2.11 -3.44 -1.28
N VAL C 6 -2.66 -2.42 -1.88
CA VAL C 6 -2.79 -2.37 -3.31
C VAL C 6 -2.16 -1.10 -3.85
N GLY C 7 -1.71 -1.17 -5.07
CA GLY C 7 -1.21 -0.02 -5.74
C GLY C 7 -1.90 0.16 -7.07
N SER C 8 -1.70 1.30 -7.69
CA SER C 8 -2.29 1.57 -8.98
C SER C 8 -1.26 2.23 -9.86
N LYS C 9 -0.99 1.59 -10.97
CA LYS C 9 0.04 1.99 -11.89
C LYS C 9 -0.43 3.14 -12.76
N THR C 10 0.08 4.32 -12.50
CA THR C 10 -0.49 5.51 -13.10
C THR C 10 0.58 6.42 -13.73
N LYS C 11 0.28 7.72 -13.82
CA LYS C 11 1.20 8.71 -14.39
C LYS C 11 2.44 8.90 -13.52
N GLU C 12 2.28 8.84 -12.20
CA GLU C 12 3.42 8.80 -11.30
C GLU C 12 3.95 7.38 -11.30
N GLY C 13 3.00 6.48 -11.48
CA GLY C 13 3.28 5.11 -11.80
C GLY C 13 2.98 4.16 -10.67
N VAL C 14 2.93 4.66 -9.45
CA VAL C 14 2.56 3.80 -8.33
C VAL C 14 1.94 4.64 -7.21
N VAL C 15 0.72 4.30 -6.84
CA VAL C 15 0.08 4.89 -5.68
C VAL C 15 -0.21 3.82 -4.66
N HIS C 16 -0.11 4.17 -3.40
CA HIS C 16 -0.30 3.23 -2.31
C HIS C 16 -1.74 3.32 -1.82
N GLY C 17 -2.49 2.26 -2.02
CA GLY C 17 -3.85 2.25 -1.56
C GLY C 17 -4.15 1.01 -0.76
N VAL C 18 -5.39 0.84 -0.39
CA VAL C 18 -5.77 -0.30 0.43
C VAL C 18 -7.11 -0.86 -0.03
N ALA C 19 -7.14 -2.16 -0.19
CA ALA C 19 -8.33 -2.87 -0.56
C ALA C 19 -8.89 -3.55 0.65
N THR C 20 -9.98 -3.04 1.17
CA THR C 20 -10.51 -3.59 2.40
C THR C 20 -11.42 -4.76 2.10
N VAL C 21 -10.98 -5.92 2.53
CA VAL C 21 -11.57 -7.17 2.15
C VAL C 21 -12.35 -7.78 3.31
N ALA C 22 -13.61 -8.09 3.04
CA ALA C 22 -14.48 -8.69 4.02
C ALA C 22 -14.51 -10.20 3.83
N ASP A 1 -14.84 -8.76 -3.59
CA ASP A 1 -14.91 -7.67 -2.60
C ASP A 1 -13.53 -7.06 -2.44
N GLY A 2 -13.31 -6.29 -1.37
CA GLY A 2 -12.05 -5.60 -1.20
C GLY A 2 -12.05 -4.26 -1.90
N GLU A 3 -12.71 -3.28 -1.30
CA GLU A 3 -12.82 -1.96 -1.91
C GLU A 3 -11.60 -1.13 -1.56
N ILE A 4 -11.20 -0.28 -2.49
CA ILE A 4 -9.93 0.40 -2.39
C ILE A 4 -10.07 1.81 -1.83
N PHE A 5 -9.04 2.20 -1.11
CA PHE A 5 -8.88 3.55 -0.61
C PHE A 5 -7.42 3.96 -0.75
N TYR A 6 -7.13 4.87 -1.69
CA TYR A 6 -5.76 5.28 -1.91
C TYR A 6 -5.33 6.36 -0.93
N LEU A 7 -4.09 6.28 -0.46
CA LEU A 7 -3.55 7.28 0.43
C LEU A 7 -2.27 7.84 -0.17
N PRO A 8 -2.37 8.62 -1.24
CA PRO A 8 -1.19 9.14 -1.94
C PRO A 8 -0.58 10.33 -1.22
N ASN A 9 -1.10 10.61 -0.06
CA ASN A 9 -0.69 11.79 0.69
C ASN A 9 0.28 11.38 1.77
N LEU A 10 0.11 10.15 2.21
CA LEU A 10 0.82 9.63 3.36
C LEU A 10 2.20 9.19 2.93
N ASN A 11 3.21 9.45 3.75
CA ASN A 11 4.57 9.06 3.41
C ASN A 11 4.78 7.58 3.66
N PRO A 12 5.83 6.97 3.09
CA PRO A 12 6.14 5.54 3.25
C PRO A 12 5.96 5.04 4.68
N ASP A 13 6.38 5.85 5.64
CA ASP A 13 6.33 5.45 7.04
C ASP A 13 4.89 5.32 7.51
N GLN A 14 4.07 6.32 7.17
CA GLN A 14 2.65 6.30 7.49
C GLN A 14 1.98 5.11 6.84
N LEU A 15 2.22 4.98 5.53
CA LEU A 15 1.69 3.87 4.75
C LEU A 15 2.07 2.52 5.37
N CYS A 16 3.34 2.39 5.74
CA CYS A 16 3.81 1.16 6.38
C CYS A 16 3.16 0.94 7.74
N ALA A 17 3.10 2.00 8.53
CA ALA A 17 2.57 1.95 9.88
C ALA A 17 1.12 1.50 9.87
N PHE A 18 0.38 1.84 8.81
CA PHE A 18 -1.01 1.46 8.72
C PHE A 18 -1.15 -0.06 8.83
N PHE A 19 -0.50 -0.80 7.94
CA PHE A 19 -0.68 -2.24 7.93
C PHE A 19 0.09 -2.91 9.05
N HIS A 20 1.08 -2.19 9.58
CA HIS A 20 1.90 -2.75 10.65
C HIS A 20 1.06 -2.98 11.90
N SER A 21 0.10 -2.10 12.12
CA SER A 21 -0.86 -2.27 13.21
C SER A 21 -1.87 -3.33 12.82
N VAL A 22 -2.28 -3.25 11.56
CA VAL A 22 -3.28 -4.13 10.99
C VAL A 22 -2.86 -5.59 11.00
N HIS A 23 -1.68 -5.84 10.48
CA HIS A 23 -1.21 -7.21 10.28
C HIS A 23 -1.03 -7.93 11.61
N ASP A 24 -0.75 -7.18 12.66
CA ASP A 24 -0.67 -7.74 14.01
C ASP A 24 -2.02 -8.33 14.42
N ASP A 25 -3.08 -7.79 13.84
CA ASP A 25 -4.44 -8.15 14.22
C ASP A 25 -5.42 -7.56 13.22
N PRO A 26 -5.75 -8.30 12.16
CA PRO A 26 -6.52 -7.79 11.01
C PRO A 26 -7.95 -7.35 11.34
N SER A 27 -8.33 -7.43 12.62
CA SER A 27 -9.64 -6.95 13.05
C SER A 27 -9.68 -5.42 13.13
N GLN A 28 -8.52 -4.80 13.31
CA GLN A 28 -8.46 -3.34 13.46
C GLN A 28 -8.21 -2.66 12.13
N SER A 29 -7.98 -3.48 11.13
CA SER A 29 -7.79 -3.07 9.76
C SER A 29 -8.75 -1.95 9.35
N ALA A 30 -10.05 -2.19 9.51
CA ALA A 30 -11.06 -1.20 9.16
C ALA A 30 -10.83 0.12 9.90
N ASN A 31 -10.46 0.02 11.16
CA ASN A 31 -10.17 1.18 12.00
C ASN A 31 -8.93 1.88 11.49
N LEU A 32 -7.97 1.05 11.15
CA LEU A 32 -6.65 1.51 10.81
C LEU A 32 -6.67 2.19 9.46
N LEU A 33 -7.37 1.54 8.57
CA LEU A 33 -7.67 2.02 7.24
C LEU A 33 -8.37 3.37 7.34
N ALA A 34 -9.33 3.44 8.25
CA ALA A 34 -10.03 4.68 8.56
C ALA A 34 -9.08 5.81 8.90
N GLU A 35 -8.14 5.53 9.79
CA GLU A 35 -7.17 6.52 10.22
C GLU A 35 -6.21 6.83 9.08
N ALA A 36 -6.05 5.86 8.19
CA ALA A 36 -5.30 6.08 6.96
C ALA A 36 -6.06 7.03 6.04
N LYS A 37 -7.37 6.82 5.96
CA LYS A 37 -8.26 7.64 5.15
C LYS A 37 -8.31 9.02 5.75
N LYS A 38 -8.49 8.99 7.05
CA LYS A 38 -8.52 10.16 7.89
C LYS A 38 -7.24 10.94 7.78
N LEU A 39 -6.13 10.22 7.83
CA LEU A 39 -4.81 10.81 7.66
C LEU A 39 -4.67 11.44 6.31
N ASN A 40 -4.99 10.65 5.30
CA ASN A 40 -5.00 11.10 3.92
C ASN A 40 -5.78 12.39 3.80
N ASP A 41 -6.83 12.47 4.57
CA ASP A 41 -7.72 13.61 4.62
C ASP A 41 -7.12 14.71 5.48
N ALA A 42 -6.48 14.29 6.55
CA ALA A 42 -5.98 15.18 7.57
C ALA A 42 -4.89 16.07 7.03
N GLN A 43 -4.01 15.45 6.27
CA GLN A 43 -2.84 16.19 5.79
C GLN A 43 -2.97 16.55 4.31
N ALA A 44 -3.77 15.76 3.57
CA ALA A 44 -4.03 15.91 2.13
C ALA A 44 -3.40 17.16 1.50
N PRO A 45 -2.10 17.07 1.20
CA PRO A 45 -1.33 18.13 0.56
C PRO A 45 -2.00 18.63 -0.71
N LYS A 46 -2.51 19.86 -0.65
CA LYS A 46 -3.19 20.46 -1.78
C LYS A 46 -2.19 20.93 -2.81
N ASP B 1 -4.83 5.58 -17.34
CA ASP B 1 -3.82 5.28 -16.29
C ASP B 1 -4.41 4.35 -15.26
N GLY B 2 -3.67 4.14 -14.17
CA GLY B 2 -4.20 3.35 -13.07
C GLY B 2 -4.35 1.88 -13.39
N GLU B 3 -3.23 1.18 -13.55
CA GLU B 3 -3.26 -0.27 -13.65
C GLU B 3 -3.04 -0.83 -12.26
N ILE B 4 -4.10 -1.28 -11.62
CA ILE B 4 -4.03 -1.73 -10.24
C ILE B 4 -3.19 -3.00 -10.12
N PHE B 5 -2.45 -3.07 -9.02
CA PHE B 5 -1.66 -4.24 -8.69
C PHE B 5 -1.77 -4.52 -7.21
N TYR B 6 -2.02 -5.78 -6.86
CA TYR B 6 -2.24 -6.16 -5.48
C TYR B 6 -1.02 -6.82 -4.88
N LEU B 7 -0.76 -6.47 -3.63
CA LEU B 7 0.39 -7.02 -2.91
C LEU B 7 -0.08 -7.68 -1.60
N PRO B 8 -0.95 -8.71 -1.69
CA PRO B 8 -1.58 -9.34 -0.51
C PRO B 8 -0.62 -10.18 0.31
N ASN B 9 0.29 -10.84 -0.39
CA ASN B 9 1.19 -11.76 0.25
C ASN B 9 2.39 -11.02 0.84
N LEU B 10 2.53 -9.75 0.46
CA LEU B 10 3.50 -8.91 1.10
C LEU B 10 2.96 -8.31 2.37
N ASN B 11 3.81 -8.33 3.37
CA ASN B 11 3.44 -7.78 4.66
C ASN B 11 4.03 -6.40 4.78
N PRO B 12 3.52 -5.55 5.71
CA PRO B 12 3.98 -4.18 5.90
C PRO B 12 5.48 -4.01 5.69
N ASP B 13 6.26 -4.94 6.22
CA ASP B 13 7.72 -4.83 6.19
C ASP B 13 8.27 -5.06 4.78
N GLN B 14 7.58 -5.89 4.01
CA GLN B 14 7.95 -6.17 2.64
C GLN B 14 7.68 -4.96 1.78
N LEU B 15 6.47 -4.46 1.94
CA LEU B 15 5.99 -3.26 1.28
C LEU B 15 6.79 -2.02 1.71
N CYS B 16 7.37 -2.07 2.92
CA CYS B 16 8.13 -0.94 3.45
C CYS B 16 9.17 -0.45 2.47
N ALA B 17 9.90 -1.38 1.87
CA ALA B 17 10.93 -1.02 0.91
C ALA B 17 10.33 -0.43 -0.34
N PHE B 18 9.25 -1.03 -0.82
CA PHE B 18 8.66 -0.66 -2.09
C PHE B 18 8.28 0.82 -2.13
N PHE B 19 7.42 1.27 -1.22
CA PHE B 19 7.01 2.67 -1.23
C PHE B 19 8.11 3.58 -0.73
N HIS B 20 9.10 3.01 -0.08
CA HIS B 20 10.26 3.78 0.38
C HIS B 20 11.14 4.13 -0.82
N SER B 21 11.37 3.15 -1.68
CA SER B 21 12.12 3.37 -2.91
C SER B 21 11.29 4.18 -3.90
N VAL B 22 9.99 3.95 -3.87
CA VAL B 22 9.04 4.55 -4.80
C VAL B 22 8.81 6.03 -4.50
N HIS B 23 8.68 6.39 -3.23
CA HIS B 23 8.45 7.80 -2.89
C HIS B 23 9.74 8.56 -2.99
N ASP B 24 10.84 7.90 -2.64
CA ASP B 24 12.16 8.48 -2.74
C ASP B 24 12.62 8.53 -4.19
N ASP B 25 12.27 7.49 -4.97
CA ASP B 25 12.58 7.47 -6.40
C ASP B 25 11.33 7.21 -7.24
N PRO B 26 10.48 8.23 -7.41
CA PRO B 26 9.27 8.13 -8.25
C PRO B 26 9.58 7.76 -9.69
N SER B 27 10.80 8.08 -10.13
CA SER B 27 11.21 7.87 -11.52
C SER B 27 11.26 6.39 -11.89
N GLN B 28 11.21 5.51 -10.89
CA GLN B 28 11.31 4.08 -11.14
C GLN B 28 10.18 3.30 -10.56
N SER B 29 9.09 3.96 -10.22
CA SER B 29 7.94 3.30 -9.61
C SER B 29 7.53 2.02 -10.37
N ALA B 30 7.79 1.98 -11.68
CA ALA B 30 7.52 0.77 -12.47
C ALA B 30 8.57 -0.31 -12.24
N ASN B 31 9.84 0.09 -12.21
CA ASN B 31 10.92 -0.86 -11.92
C ASN B 31 10.82 -1.29 -10.47
N LEU B 32 10.41 -0.35 -9.64
CA LEU B 32 10.07 -0.60 -8.25
C LEU B 32 8.85 -1.50 -8.17
N LEU B 33 7.88 -1.26 -9.05
CA LEU B 33 6.67 -2.08 -9.15
C LEU B 33 7.09 -3.52 -9.29
N ALA B 34 7.99 -3.72 -10.21
CA ALA B 34 8.58 -5.01 -10.48
C ALA B 34 9.11 -5.64 -9.22
N GLU B 35 9.71 -4.84 -8.35
CA GLU B 35 10.37 -5.35 -7.16
C GLU B 35 9.36 -5.77 -6.11
N ALA B 36 8.29 -5.01 -5.99
CA ALA B 36 7.26 -5.34 -5.01
C ALA B 36 6.50 -6.54 -5.48
N LYS B 37 6.26 -6.57 -6.77
CA LYS B 37 5.58 -7.67 -7.38
C LYS B 37 6.52 -8.87 -7.43
N LYS B 38 7.82 -8.57 -7.51
CA LYS B 38 8.90 -9.57 -7.40
C LYS B 38 8.97 -10.12 -6.00
N LEU B 39 8.81 -9.25 -5.03
CA LEU B 39 8.82 -9.62 -3.64
C LEU B 39 7.57 -10.41 -3.32
N ASN B 40 6.47 -9.94 -3.88
CA ASN B 40 5.25 -10.70 -3.90
C ASN B 40 5.56 -12.06 -4.46
N ASP B 41 6.25 -12.07 -5.58
CA ASP B 41 6.63 -13.30 -6.28
C ASP B 41 7.59 -14.12 -5.43
N ALA B 42 8.35 -13.43 -4.61
CA ALA B 42 9.41 -14.05 -3.85
C ALA B 42 8.86 -14.93 -2.75
N GLN B 43 7.77 -14.47 -2.16
CA GLN B 43 7.23 -15.11 -0.97
C GLN B 43 5.86 -15.73 -1.25
N ALA B 44 5.27 -15.34 -2.38
CA ALA B 44 3.94 -15.78 -2.77
C ALA B 44 3.75 -17.30 -2.71
N PRO B 45 4.60 -18.09 -3.41
CA PRO B 45 4.43 -19.53 -3.49
C PRO B 45 4.93 -20.22 -2.23
N LYS B 46 4.03 -20.46 -1.31
CA LYS B 46 4.36 -21.08 -0.05
C LYS B 46 3.35 -22.18 0.29
N GLU C 1 -11.63 -10.11 5.58
CA GLU C 1 -11.32 -9.68 6.96
C GLU C 1 -9.93 -9.08 7.04
N GLY C 2 -9.81 -7.82 6.63
CA GLY C 2 -8.54 -7.15 6.67
C GLY C 2 -8.41 -6.09 5.61
N VAL C 3 -7.22 -5.54 5.47
CA VAL C 3 -6.94 -4.55 4.43
C VAL C 3 -5.79 -5.06 3.55
N LEU C 4 -5.96 -4.94 2.26
CA LEU C 4 -4.95 -5.37 1.31
C LEU C 4 -4.18 -4.17 0.76
N TYR C 5 -2.85 -4.28 0.73
CA TYR C 5 -2.03 -3.26 0.14
C TYR C 5 -2.15 -3.35 -1.36
N VAL C 6 -2.70 -2.33 -1.95
CA VAL C 6 -2.83 -2.27 -3.38
C VAL C 6 -2.17 -1.01 -3.92
N GLY C 7 -1.70 -1.11 -5.15
CA GLY C 7 -1.19 0.03 -5.84
C GLY C 7 -1.85 0.19 -7.17
N SER C 8 -1.62 1.31 -7.81
CA SER C 8 -2.22 1.58 -9.10
C SER C 8 -1.19 2.23 -10.01
N LYS C 9 -0.96 1.60 -11.14
CA LYS C 9 0.07 2.00 -12.07
C LYS C 9 -0.40 3.14 -12.94
N THR C 10 0.18 4.31 -12.75
CA THR C 10 -0.30 5.51 -13.42
C THR C 10 0.88 6.30 -14.01
N LYS C 11 0.68 7.61 -14.24
CA LYS C 11 1.76 8.48 -14.72
C LYS C 11 2.87 8.58 -13.67
N GLU C 12 2.48 8.68 -12.40
CA GLU C 12 3.44 8.62 -11.31
C GLU C 12 3.97 7.21 -11.23
N GLY C 13 3.04 6.29 -11.47
CA GLY C 13 3.34 4.91 -11.71
C GLY C 13 3.04 4.02 -10.53
N VAL C 14 2.99 4.57 -9.33
CA VAL C 14 2.61 3.76 -8.18
C VAL C 14 1.97 4.61 -7.12
N VAL C 15 0.74 4.29 -6.77
CA VAL C 15 0.09 4.90 -5.63
C VAL C 15 -0.21 3.82 -4.60
N HIS C 16 -0.12 4.19 -3.34
CA HIS C 16 -0.30 3.23 -2.27
C HIS C 16 -1.72 3.33 -1.75
N GLY C 17 -2.51 2.32 -2.03
CA GLY C 17 -3.87 2.31 -1.57
C GLY C 17 -4.16 1.06 -0.78
N VAL C 18 -5.40 0.90 -0.38
CA VAL C 18 -5.78 -0.25 0.41
C VAL C 18 -7.10 -0.80 -0.04
N ALA C 19 -7.13 -2.11 -0.23
CA ALA C 19 -8.33 -2.80 -0.58
C ALA C 19 -8.86 -3.51 0.65
N THR C 20 -9.92 -2.99 1.21
CA THR C 20 -10.42 -3.54 2.45
C THR C 20 -11.35 -4.70 2.15
N VAL C 21 -10.92 -5.88 2.57
CA VAL C 21 -11.56 -7.11 2.17
C VAL C 21 -12.53 -7.62 3.24
N ALA C 22 -13.75 -7.89 2.81
CA ALA C 22 -14.79 -8.39 3.70
C ALA C 22 -14.52 -9.83 4.10
N ASP A 1 -17.32 -3.74 1.25
CA ASP A 1 -16.13 -4.61 1.41
C ASP A 1 -15.43 -4.81 0.08
N GLY A 2 -14.26 -5.44 0.14
CA GLY A 2 -13.42 -5.65 -1.04
C GLY A 2 -13.31 -4.41 -1.89
N GLU A 3 -12.92 -3.31 -1.26
CA GLU A 3 -12.94 -2.01 -1.91
C GLU A 3 -11.68 -1.22 -1.59
N ILE A 4 -11.29 -0.35 -2.50
CA ILE A 4 -9.99 0.32 -2.41
C ILE A 4 -10.11 1.73 -1.88
N PHE A 5 -9.06 2.14 -1.18
CA PHE A 5 -8.90 3.49 -0.69
C PHE A 5 -7.44 3.90 -0.82
N TYR A 6 -7.13 4.83 -1.72
CA TYR A 6 -5.75 5.23 -1.93
C TYR A 6 -5.33 6.33 -0.96
N LEU A 7 -4.09 6.25 -0.47
CA LEU A 7 -3.55 7.25 0.42
C LEU A 7 -2.25 7.80 -0.15
N PRO A 8 -2.32 8.59 -1.23
CA PRO A 8 -1.13 9.10 -1.89
C PRO A 8 -0.50 10.26 -1.16
N ASN A 9 -1.01 10.53 0.02
CA ASN A 9 -0.57 11.68 0.79
C ASN A 9 0.38 11.23 1.89
N LEU A 10 0.16 10.01 2.33
CA LEU A 10 0.83 9.50 3.50
C LEU A 10 2.23 9.03 3.12
N ASN A 11 3.24 9.61 3.75
CA ASN A 11 4.61 9.26 3.42
C ASN A 11 4.88 7.82 3.79
N PRO A 12 5.87 7.18 3.16
CA PRO A 12 6.15 5.76 3.32
C PRO A 12 6.07 5.27 4.76
N ASP A 13 6.49 6.11 5.70
CA ASP A 13 6.50 5.73 7.11
C ASP A 13 5.07 5.60 7.62
N GLN A 14 4.23 6.56 7.27
CA GLN A 14 2.82 6.54 7.66
C GLN A 14 2.11 5.38 6.97
N LEU A 15 2.34 5.31 5.67
CA LEU A 15 1.74 4.27 4.83
C LEU A 15 2.11 2.87 5.36
N CYS A 16 3.36 2.69 5.75
CA CYS A 16 3.81 1.42 6.33
C CYS A 16 3.14 1.18 7.68
N ALA A 17 3.03 2.25 8.47
CA ALA A 17 2.47 2.17 9.81
C ALA A 17 1.05 1.66 9.80
N PHE A 18 0.30 1.98 8.74
CA PHE A 18 -1.09 1.56 8.65
C PHE A 18 -1.19 0.04 8.72
N PHE A 19 -0.52 -0.67 7.82
CA PHE A 19 -0.66 -2.12 7.77
C PHE A 19 0.13 -2.78 8.89
N HIS A 20 1.09 -2.05 9.44
CA HIS A 20 1.92 -2.57 10.52
C HIS A 20 1.04 -2.94 11.72
N SER A 21 0.07 -2.09 11.99
CA SER A 21 -0.89 -2.31 13.06
C SER A 21 -1.88 -3.37 12.62
N VAL A 22 -2.29 -3.23 11.37
CA VAL A 22 -3.28 -4.10 10.75
C VAL A 22 -2.84 -5.56 10.72
N HIS A 23 -1.67 -5.79 10.20
CA HIS A 23 -1.20 -7.15 9.96
C HIS A 23 -1.02 -7.90 11.28
N ASP A 24 -0.71 -7.16 12.33
CA ASP A 24 -0.60 -7.74 13.66
C ASP A 24 -1.97 -8.26 14.13
N ASP A 25 -3.02 -7.68 13.59
CA ASP A 25 -4.39 -7.95 14.03
C ASP A 25 -5.36 -7.38 13.01
N PRO A 26 -5.74 -8.19 12.01
CA PRO A 26 -6.58 -7.74 10.88
C PRO A 26 -7.98 -7.33 11.30
N SER A 27 -8.25 -7.36 12.59
CA SER A 27 -9.53 -6.92 13.12
C SER A 27 -9.63 -5.40 13.05
N GLN A 28 -8.55 -4.72 13.43
CA GLN A 28 -8.53 -3.27 13.53
C GLN A 28 -8.29 -2.61 12.18
N SER A 29 -8.03 -3.45 11.19
CA SER A 29 -7.81 -3.05 9.82
C SER A 29 -8.77 -1.95 9.35
N ALA A 30 -10.07 -2.17 9.53
CA ALA A 30 -11.08 -1.19 9.14
C ALA A 30 -10.87 0.14 9.85
N ASN A 31 -10.51 0.06 11.11
CA ASN A 31 -10.23 1.24 11.93
C ASN A 31 -8.98 1.92 11.44
N LEU A 32 -8.03 1.08 11.11
CA LEU A 32 -6.69 1.51 10.75
C LEU A 32 -6.73 2.19 9.40
N LEU A 33 -7.42 1.51 8.51
CA LEU A 33 -7.71 1.99 7.18
C LEU A 33 -8.41 3.35 7.27
N ALA A 34 -9.37 3.43 8.18
CA ALA A 34 -10.05 4.66 8.47
C ALA A 34 -9.08 5.78 8.84
N GLU A 35 -8.15 5.50 9.74
CA GLU A 35 -7.17 6.46 10.17
C GLU A 35 -6.21 6.76 9.04
N ALA A 36 -6.05 5.82 8.15
CA ALA A 36 -5.29 6.03 6.93
C ALA A 36 -6.03 7.01 6.03
N LYS A 37 -7.34 6.81 5.93
CA LYS A 37 -8.22 7.66 5.12
C LYS A 37 -8.26 9.04 5.75
N LYS A 38 -8.44 8.99 7.04
CA LYS A 38 -8.48 10.13 7.91
C LYS A 38 -7.17 10.89 7.90
N LEU A 39 -6.08 10.15 7.87
CA LEU A 39 -4.74 10.73 7.75
C LEU A 39 -4.57 11.39 6.41
N ASN A 40 -4.89 10.64 5.39
CA ASN A 40 -4.88 11.11 4.01
C ASN A 40 -5.63 12.42 3.92
N ASP A 41 -6.70 12.50 4.67
CA ASP A 41 -7.55 13.67 4.72
C ASP A 41 -6.95 14.73 5.62
N ALA A 42 -6.33 14.29 6.70
CA ALA A 42 -5.83 15.15 7.74
C ALA A 42 -4.72 16.02 7.23
N GLN A 43 -3.84 15.40 6.47
CA GLN A 43 -2.66 16.12 6.02
C GLN A 43 -2.74 16.51 4.56
N ALA A 44 -3.55 15.74 3.80
CA ALA A 44 -3.74 15.91 2.34
C ALA A 44 -3.00 17.09 1.71
N PRO A 45 -1.70 16.90 1.46
CA PRO A 45 -0.88 17.87 0.74
C PRO A 45 -1.35 18.06 -0.69
N LYS A 46 -0.85 19.10 -1.34
CA LYS A 46 -1.24 19.39 -2.70
C LYS A 46 -0.09 19.09 -3.65
N ASP B 1 -1.40 3.54 -16.71
CA ASP B 1 -2.49 4.48 -16.39
C ASP B 1 -3.56 3.77 -15.54
N GLY B 2 -3.44 3.91 -14.23
CA GLY B 2 -4.36 3.27 -13.30
C GLY B 2 -4.45 1.77 -13.48
N GLU B 3 -3.31 1.09 -13.58
CA GLU B 3 -3.31 -0.36 -13.67
C GLU B 3 -3.09 -0.94 -12.28
N ILE B 4 -4.15 -1.41 -11.66
CA ILE B 4 -4.08 -1.84 -10.28
C ILE B 4 -3.26 -3.11 -10.12
N PHE B 5 -2.51 -3.16 -9.02
CA PHE B 5 -1.72 -4.33 -8.68
C PHE B 5 -1.83 -4.61 -7.18
N TYR B 6 -2.05 -5.86 -6.85
CA TYR B 6 -2.27 -6.24 -5.47
C TYR B 6 -1.05 -6.89 -4.87
N LEU B 7 -0.77 -6.55 -3.62
CA LEU B 7 0.38 -7.11 -2.91
C LEU B 7 -0.10 -7.78 -1.60
N PRO B 8 -0.96 -8.81 -1.71
CA PRO B 8 -1.58 -9.45 -0.53
C PRO B 8 -0.61 -10.31 0.26
N ASN B 9 0.28 -10.96 -0.46
CA ASN B 9 1.19 -11.90 0.14
C ASN B 9 2.37 -11.17 0.76
N LEU B 10 2.51 -9.90 0.41
CA LEU B 10 3.48 -9.04 1.06
C LEU B 10 2.93 -8.48 2.35
N ASN B 11 3.82 -8.41 3.32
CA ASN B 11 3.47 -7.90 4.62
C ASN B 11 3.92 -6.46 4.69
N PRO B 12 3.42 -5.66 5.64
CA PRO B 12 3.82 -4.27 5.79
C PRO B 12 5.33 -4.11 5.65
N ASP B 13 6.07 -5.01 6.28
CA ASP B 13 7.52 -4.95 6.30
C ASP B 13 8.12 -5.18 4.92
N GLN B 14 7.45 -6.00 4.11
CA GLN B 14 7.88 -6.27 2.75
C GLN B 14 7.65 -5.03 1.89
N LEU B 15 6.44 -4.54 1.99
CA LEU B 15 6.00 -3.33 1.30
C LEU B 15 6.79 -2.10 1.73
N CYS B 16 7.36 -2.14 2.94
CA CYS B 16 8.10 -1.02 3.50
C CYS B 16 9.16 -0.49 2.53
N ALA B 17 9.90 -1.39 1.91
CA ALA B 17 10.95 -1.00 0.99
C ALA B 17 10.37 -0.36 -0.26
N PHE B 18 9.28 -0.93 -0.74
CA PHE B 18 8.69 -0.52 -2.00
C PHE B 18 8.35 0.98 -2.03
N PHE B 19 7.53 1.45 -1.10
CA PHE B 19 7.18 2.87 -1.08
C PHE B 19 8.35 3.74 -0.64
N HIS B 20 9.35 3.13 -0.02
CA HIS B 20 10.55 3.89 0.34
C HIS B 20 11.35 4.22 -0.90
N SER B 21 11.52 3.23 -1.76
CA SER B 21 12.22 3.44 -3.02
C SER B 21 11.36 4.26 -3.98
N VAL B 22 10.06 4.03 -3.89
CA VAL B 22 9.08 4.64 -4.78
C VAL B 22 8.86 6.12 -4.48
N HIS B 23 8.75 6.45 -3.19
CA HIS B 23 8.52 7.84 -2.83
C HIS B 23 9.81 8.62 -2.94
N ASP B 24 10.91 7.95 -2.61
CA ASP B 24 12.22 8.55 -2.73
C ASP B 24 12.62 8.66 -4.20
N ASP B 25 12.26 7.65 -5.00
CA ASP B 25 12.52 7.71 -6.43
C ASP B 25 11.29 7.31 -7.23
N PRO B 26 10.50 8.31 -7.63
CA PRO B 26 9.26 8.12 -8.37
C PRO B 26 9.52 7.82 -9.85
N SER B 27 10.76 8.08 -10.27
CA SER B 27 11.18 7.85 -11.64
C SER B 27 11.20 6.36 -11.96
N GLN B 28 11.16 5.54 -10.93
CA GLN B 28 11.29 4.10 -11.11
C GLN B 28 10.13 3.34 -10.52
N SER B 29 9.04 4.02 -10.23
CA SER B 29 7.87 3.37 -9.64
C SER B 29 7.48 2.09 -10.39
N ALA B 30 7.78 2.01 -11.69
CA ALA B 30 7.53 0.78 -12.45
C ALA B 30 8.59 -0.29 -12.18
N ASN B 31 9.85 0.12 -12.15
CA ASN B 31 10.94 -0.82 -11.85
C ASN B 31 10.82 -1.26 -10.40
N LEU B 32 10.41 -0.32 -9.58
CA LEU B 32 10.06 -0.57 -8.19
C LEU B 32 8.85 -1.48 -8.11
N LEU B 33 7.87 -1.22 -8.99
CA LEU B 33 6.66 -2.05 -9.08
C LEU B 33 7.09 -3.49 -9.24
N ALA B 34 7.99 -3.68 -10.16
CA ALA B 34 8.57 -4.97 -10.43
C ALA B 34 9.12 -5.60 -9.18
N GLU B 35 9.73 -4.80 -8.32
CA GLU B 35 10.40 -5.32 -7.14
C GLU B 35 9.41 -5.74 -6.06
N ALA B 36 8.33 -4.99 -5.93
CA ALA B 36 7.29 -5.33 -4.94
C ALA B 36 6.55 -6.55 -5.41
N LYS B 37 6.31 -6.58 -6.70
CA LYS B 37 5.65 -7.69 -7.32
C LYS B 37 6.61 -8.88 -7.38
N LYS B 38 7.90 -8.56 -7.44
CA LYS B 38 8.99 -9.52 -7.33
C LYS B 38 9.09 -10.07 -5.92
N LEU B 39 8.89 -9.21 -4.96
CA LEU B 39 8.88 -9.60 -3.57
C LEU B 39 7.64 -10.42 -3.29
N ASN B 40 6.56 -9.97 -3.88
CA ASN B 40 5.35 -10.75 -3.93
C ASN B 40 5.68 -12.11 -4.51
N ASP B 41 6.42 -12.08 -5.61
CA ASP B 41 6.83 -13.29 -6.32
C ASP B 41 7.75 -14.12 -5.44
N ALA B 42 8.51 -13.44 -4.60
CA ALA B 42 9.53 -14.06 -3.81
C ALA B 42 8.95 -14.96 -2.75
N GLN B 43 7.89 -14.47 -2.13
CA GLN B 43 7.33 -15.12 -0.96
C GLN B 43 5.96 -15.71 -1.26
N ALA B 44 5.44 -15.39 -2.45
CA ALA B 44 4.15 -15.86 -2.90
C ALA B 44 3.94 -17.36 -2.68
N PRO B 45 4.91 -18.21 -3.08
CA PRO B 45 4.81 -19.64 -2.87
C PRO B 45 5.26 -20.02 -1.47
N LYS B 46 4.31 -20.12 -0.56
CA LYS B 46 4.60 -20.39 0.84
C LYS B 46 4.99 -21.85 1.03
N GLU C 1 -9.94 -11.02 4.64
CA GLU C 1 -9.92 -10.57 6.06
C GLU C 1 -8.96 -9.40 6.24
N GLY C 2 -9.51 -8.23 6.50
CA GLY C 2 -8.69 -7.08 6.82
C GLY C 2 -8.55 -6.12 5.67
N VAL C 3 -7.35 -5.61 5.48
CA VAL C 3 -7.07 -4.68 4.39
C VAL C 3 -5.94 -5.24 3.53
N LEU C 4 -5.98 -4.94 2.26
CA LEU C 4 -4.96 -5.40 1.33
C LEU C 4 -4.19 -4.21 0.75
N TYR C 5 -2.86 -4.33 0.73
CA TYR C 5 -2.04 -3.32 0.12
C TYR C 5 -2.18 -3.43 -1.39
N VAL C 6 -2.74 -2.41 -1.96
CA VAL C 6 -2.89 -2.37 -3.39
C VAL C 6 -2.26 -1.12 -3.97
N GLY C 7 -1.81 -1.21 -5.18
CA GLY C 7 -1.27 -0.09 -5.88
C GLY C 7 -1.96 0.10 -7.20
N SER C 8 -1.78 1.25 -7.80
CA SER C 8 -2.37 1.52 -9.09
C SER C 8 -1.32 2.14 -9.98
N LYS C 9 -1.08 1.49 -11.10
CA LYS C 9 -0.02 1.86 -12.01
C LYS C 9 -0.45 3.00 -12.91
N THR C 10 -0.02 4.20 -12.56
CA THR C 10 -0.61 5.41 -13.11
C THR C 10 0.43 6.35 -13.75
N LYS C 11 0.11 7.64 -13.78
CA LYS C 11 0.99 8.67 -14.34
C LYS C 11 2.22 8.84 -13.46
N GLU C 12 2.00 8.92 -12.14
CA GLU C 12 3.11 8.90 -11.19
C GLU C 12 3.69 7.50 -11.18
N GLY C 13 2.79 6.56 -11.38
CA GLY C 13 3.13 5.22 -11.75
C GLY C 13 2.90 4.23 -10.65
N VAL C 14 2.85 4.67 -9.41
CA VAL C 14 2.49 3.80 -8.31
C VAL C 14 1.86 4.61 -7.19
N VAL C 15 0.64 4.26 -6.84
CA VAL C 15 -0.01 4.84 -5.69
C VAL C 15 -0.28 3.75 -4.68
N HIS C 16 -0.14 4.07 -3.42
CA HIS C 16 -0.32 3.10 -2.36
C HIS C 16 -1.72 3.23 -1.80
N GLY C 17 -2.54 2.25 -2.08
CA GLY C 17 -3.89 2.26 -1.58
C GLY C 17 -4.18 1.01 -0.80
N VAL C 18 -5.44 0.84 -0.43
CA VAL C 18 -5.81 -0.29 0.38
C VAL C 18 -7.14 -0.85 -0.06
N ALA C 19 -7.17 -2.16 -0.22
CA ALA C 19 -8.38 -2.85 -0.55
C ALA C 19 -8.90 -3.52 0.70
N THR C 20 -9.95 -2.99 1.25
CA THR C 20 -10.45 -3.52 2.51
C THR C 20 -11.35 -4.69 2.22
N VAL C 21 -10.90 -5.85 2.64
CA VAL C 21 -11.49 -7.11 2.24
C VAL C 21 -12.25 -7.76 3.39
N ALA C 22 -13.40 -8.34 3.08
CA ALA C 22 -14.18 -9.05 4.05
C ALA C 22 -13.49 -10.34 4.45
N ASP A 1 -17.50 -4.59 -0.26
CA ASP A 1 -16.61 -5.67 0.23
C ASP A 1 -15.40 -5.82 -0.69
N GLY A 2 -14.21 -5.65 -0.14
CA GLY A 2 -13.00 -5.74 -0.95
C GLY A 2 -12.82 -4.54 -1.83
N GLU A 3 -12.84 -3.36 -1.24
CA GLU A 3 -12.80 -2.12 -2.00
C GLU A 3 -11.53 -1.33 -1.69
N ILE A 4 -11.15 -0.44 -2.59
CA ILE A 4 -9.86 0.23 -2.48
C ILE A 4 -9.98 1.65 -1.95
N PHE A 5 -8.99 2.01 -1.15
CA PHE A 5 -8.83 3.36 -0.66
C PHE A 5 -7.38 3.78 -0.80
N TYR A 6 -7.09 4.68 -1.72
CA TYR A 6 -5.72 5.13 -1.93
C TYR A 6 -5.34 6.22 -0.95
N LEU A 7 -4.11 6.17 -0.46
CA LEU A 7 -3.59 7.18 0.44
C LEU A 7 -2.32 7.76 -0.15
N PRO A 8 -2.42 8.54 -1.24
CA PRO A 8 -1.25 9.06 -1.94
C PRO A 8 -0.65 10.26 -1.24
N ASN A 9 -1.19 10.56 -0.08
CA ASN A 9 -0.79 11.77 0.62
C ASN A 9 0.19 11.40 1.71
N LEU A 10 0.03 10.18 2.18
CA LEU A 10 0.74 9.70 3.34
C LEU A 10 2.15 9.31 2.94
N ASN A 11 3.14 9.75 3.69
CA ASN A 11 4.52 9.40 3.40
C ASN A 11 4.78 7.96 3.79
N PRO A 12 5.73 7.29 3.11
CA PRO A 12 6.02 5.85 3.29
C PRO A 12 5.94 5.38 4.75
N ASP A 13 6.42 6.21 5.66
CA ASP A 13 6.43 5.87 7.08
C ASP A 13 5.01 5.62 7.58
N GLN A 14 4.10 6.49 7.17
CA GLN A 14 2.69 6.39 7.52
C GLN A 14 2.08 5.16 6.85
N LEU A 15 2.28 5.07 5.54
CA LEU A 15 1.79 3.94 4.75
C LEU A 15 2.24 2.60 5.36
N CYS A 16 3.49 2.55 5.80
CA CYS A 16 4.03 1.36 6.44
C CYS A 16 3.34 1.10 7.77
N ALA A 17 3.13 2.17 8.53
CA ALA A 17 2.56 2.07 9.87
C ALA A 17 1.14 1.52 9.83
N PHE A 18 0.39 1.89 8.80
CA PHE A 18 -1.01 1.48 8.69
C PHE A 18 -1.13 -0.04 8.78
N PHE A 19 -0.47 -0.77 7.87
CA PHE A 19 -0.64 -2.21 7.84
C PHE A 19 0.12 -2.89 8.95
N HIS A 20 1.09 -2.17 9.51
CA HIS A 20 1.93 -2.72 10.59
C HIS A 20 1.04 -3.10 11.78
N SER A 21 0.10 -2.23 12.09
CA SER A 21 -0.86 -2.48 13.17
C SER A 21 -1.89 -3.48 12.71
N VAL A 22 -2.28 -3.33 11.45
CA VAL A 22 -3.29 -4.16 10.83
C VAL A 22 -2.88 -5.63 10.77
N HIS A 23 -1.71 -5.87 10.24
CA HIS A 23 -1.28 -7.24 9.98
C HIS A 23 -1.05 -7.98 11.27
N ASP A 24 -0.69 -7.23 12.30
CA ASP A 24 -0.54 -7.78 13.65
C ASP A 24 -1.90 -8.26 14.18
N ASP A 25 -2.97 -7.66 13.66
CA ASP A 25 -4.32 -7.92 14.15
C ASP A 25 -5.33 -7.38 13.15
N PRO A 26 -5.73 -8.20 12.18
CA PRO A 26 -6.57 -7.78 11.04
C PRO A 26 -7.99 -7.37 11.45
N SER A 27 -8.28 -7.42 12.74
CA SER A 27 -9.58 -6.99 13.23
C SER A 27 -9.67 -5.46 13.21
N GLN A 28 -8.57 -4.80 13.56
CA GLN A 28 -8.55 -3.34 13.65
C GLN A 28 -8.32 -2.69 12.29
N SER A 29 -8.07 -3.53 11.30
CA SER A 29 -7.84 -3.14 9.93
C SER A 29 -8.79 -2.03 9.47
N ALA A 30 -10.09 -2.24 9.63
CA ALA A 30 -11.10 -1.25 9.22
C ALA A 30 -10.87 0.09 9.92
N ASN A 31 -10.49 0.01 11.19
CA ASN A 31 -10.20 1.19 12.00
C ASN A 31 -8.94 1.84 11.51
N LEU A 32 -7.99 0.98 11.18
CA LEU A 32 -6.66 1.41 10.81
C LEU A 32 -6.69 2.08 9.45
N LEU A 33 -7.38 1.40 8.56
CA LEU A 33 -7.67 1.87 7.23
C LEU A 33 -8.39 3.23 7.34
N ALA A 34 -9.33 3.31 8.26
CA ALA A 34 -10.04 4.54 8.56
C ALA A 34 -9.08 5.68 8.91
N GLU A 35 -8.14 5.43 9.81
CA GLU A 35 -7.17 6.41 10.23
C GLU A 35 -6.22 6.71 9.10
N ALA A 36 -6.05 5.74 8.21
CA ALA A 36 -5.30 5.96 6.98
C ALA A 36 -6.08 6.92 6.07
N LYS A 37 -7.39 6.69 5.99
CA LYS A 37 -8.28 7.52 5.17
C LYS A 37 -8.34 8.90 5.78
N LYS A 38 -8.54 8.87 7.07
CA LYS A 38 -8.58 10.02 7.93
C LYS A 38 -7.29 10.80 7.86
N LEU A 39 -6.19 10.07 7.79
CA LEU A 39 -4.86 10.67 7.66
C LEU A 39 -4.71 11.33 6.31
N ASN A 40 -5.05 10.54 5.31
CA ASN A 40 -5.07 11.01 3.93
C ASN A 40 -5.83 12.31 3.84
N ASP A 41 -6.89 12.37 4.62
CA ASP A 41 -7.77 13.52 4.71
C ASP A 41 -7.16 14.61 5.58
N ALA A 42 -6.50 14.17 6.63
CA ALA A 42 -5.98 15.06 7.66
C ALA A 42 -4.91 15.94 7.11
N GLN A 43 -4.05 15.36 6.30
CA GLN A 43 -2.93 16.12 5.78
C GLN A 43 -3.11 16.48 4.30
N ALA A 44 -3.92 15.68 3.59
CA ALA A 44 -4.23 15.84 2.15
C ALA A 44 -3.67 17.09 1.49
N PRO A 45 -2.39 17.04 1.11
CA PRO A 45 -1.74 18.08 0.32
C PRO A 45 -2.38 18.24 -1.05
N LYS A 46 -2.06 19.33 -1.73
CA LYS A 46 -2.62 19.60 -3.05
C LYS A 46 -1.68 19.05 -4.12
N ASP B 1 -3.64 5.97 -17.16
CA ASP B 1 -3.06 4.64 -16.88
C ASP B 1 -3.83 3.94 -15.76
N GLY B 2 -3.41 4.15 -14.51
CA GLY B 2 -4.09 3.52 -13.39
C GLY B 2 -4.22 2.02 -13.51
N GLU B 3 -3.09 1.32 -13.64
CA GLU B 3 -3.11 -0.15 -13.72
C GLU B 3 -2.92 -0.71 -12.32
N ILE B 4 -3.97 -1.23 -11.72
CA ILE B 4 -3.89 -1.69 -10.35
C ILE B 4 -3.01 -2.94 -10.24
N PHE B 5 -2.28 -3.01 -9.14
CA PHE B 5 -1.47 -4.15 -8.83
C PHE B 5 -1.61 -4.47 -7.35
N TYR B 6 -1.88 -5.73 -7.05
CA TYR B 6 -2.17 -6.11 -5.69
C TYR B 6 -0.96 -6.68 -4.98
N LEU B 7 -0.73 -6.19 -3.76
CA LEU B 7 0.33 -6.67 -2.88
C LEU B 7 -0.27 -7.12 -1.54
N PRO B 8 -1.17 -8.10 -1.57
CA PRO B 8 -1.88 -8.60 -0.39
C PRO B 8 -1.00 -9.50 0.47
N ASN B 9 -0.10 -10.20 -0.19
CA ASN B 9 0.68 -11.24 0.45
C ASN B 9 1.94 -10.66 1.08
N LEU B 10 2.30 -9.46 0.67
CA LEU B 10 3.40 -8.77 1.28
C LEU B 10 3.03 -8.22 2.63
N ASN B 11 3.95 -8.41 3.56
CA ASN B 11 3.78 -7.90 4.91
C ASN B 11 4.19 -6.44 4.93
N PRO B 12 3.74 -5.66 5.92
CA PRO B 12 4.07 -4.23 6.01
C PRO B 12 5.55 -3.97 5.74
N ASP B 13 6.40 -4.82 6.28
CA ASP B 13 7.85 -4.64 6.18
C ASP B 13 8.35 -4.92 4.78
N GLN B 14 7.67 -5.83 4.09
CA GLN B 14 7.99 -6.19 2.73
C GLN B 14 7.73 -4.99 1.83
N LEU B 15 6.55 -4.44 2.01
CA LEU B 15 6.11 -3.23 1.33
C LEU B 15 6.94 -2.01 1.74
N CYS B 16 7.48 -2.03 2.97
CA CYS B 16 8.26 -0.90 3.49
C CYS B 16 9.35 -0.45 2.53
N ALA B 17 9.98 -1.40 1.87
CA ALA B 17 11.05 -1.08 0.93
C ALA B 17 10.49 -0.46 -0.35
N PHE B 18 9.40 -1.03 -0.83
CA PHE B 18 8.84 -0.63 -2.11
C PHE B 18 8.49 0.85 -2.15
N PHE B 19 7.66 1.33 -1.23
CA PHE B 19 7.28 2.72 -1.23
C PHE B 19 8.42 3.61 -0.73
N HIS B 20 9.43 3.00 -0.12
CA HIS B 20 10.61 3.75 0.30
C HIS B 20 11.46 4.08 -0.92
N SER B 21 11.67 3.09 -1.77
CA SER B 21 12.40 3.28 -3.02
C SER B 21 11.58 4.09 -4.01
N VAL B 22 10.28 3.88 -3.97
CA VAL B 22 9.32 4.50 -4.87
C VAL B 22 9.15 5.98 -4.54
N HIS B 23 9.11 6.32 -3.26
CA HIS B 23 8.98 7.72 -2.87
C HIS B 23 10.31 8.43 -3.07
N ASP B 24 11.38 7.72 -2.77
CA ASP B 24 12.72 8.26 -2.97
C ASP B 24 13.03 8.35 -4.46
N ASP B 25 12.60 7.33 -5.21
CA ASP B 25 12.82 7.33 -6.66
C ASP B 25 11.52 7.12 -7.43
N PRO B 26 10.70 8.18 -7.55
CA PRO B 26 9.47 8.15 -8.35
C PRO B 26 9.73 7.79 -9.82
N SER B 27 10.96 8.05 -10.27
CA SER B 27 11.35 7.82 -11.65
C SER B 27 11.29 6.35 -12.02
N GLN B 28 11.34 5.47 -11.03
CA GLN B 28 11.43 4.05 -11.30
C GLN B 28 10.31 3.26 -10.68
N SER B 29 9.24 3.92 -10.31
CA SER B 29 8.10 3.27 -9.67
C SER B 29 7.65 2.02 -10.46
N ALA B 30 7.90 1.98 -11.76
CA ALA B 30 7.59 0.79 -12.56
C ALA B 30 8.62 -0.33 -12.35
N ASN B 31 9.89 0.03 -12.34
CA ASN B 31 10.95 -0.95 -12.07
C ASN B 31 10.86 -1.39 -10.62
N LEU B 32 10.53 -0.42 -9.78
CA LEU B 32 10.23 -0.65 -8.37
C LEU B 32 9.00 -1.53 -8.24
N LEU B 33 8.01 -1.28 -9.10
CA LEU B 33 6.77 -2.04 -9.16
C LEU B 33 7.12 -3.51 -9.29
N ALA B 34 7.98 -3.77 -10.24
CA ALA B 34 8.47 -5.08 -10.53
C ALA B 34 8.96 -5.77 -9.28
N GLU B 35 9.64 -5.02 -8.43
CA GLU B 35 10.29 -5.58 -7.27
C GLU B 35 9.29 -5.91 -6.17
N ALA B 36 8.26 -5.09 -6.03
CA ALA B 36 7.24 -5.36 -5.02
C ALA B 36 6.38 -6.50 -5.49
N LYS B 37 6.10 -6.50 -6.78
CA LYS B 37 5.34 -7.55 -7.39
C LYS B 37 6.17 -8.81 -7.43
N LYS B 38 7.48 -8.61 -7.51
CA LYS B 38 8.47 -9.68 -7.38
C LYS B 38 8.48 -10.23 -5.98
N LEU B 39 8.40 -9.34 -5.01
CA LEU B 39 8.38 -9.72 -3.61
C LEU B 39 7.07 -10.40 -3.28
N ASN B 40 6.01 -9.84 -3.82
CA ASN B 40 4.68 -10.42 -3.68
C ASN B 40 4.62 -11.73 -4.42
N ASP B 41 5.52 -11.89 -5.38
CA ASP B 41 5.73 -13.17 -6.06
C ASP B 41 6.61 -14.06 -5.22
N ALA B 42 7.56 -13.44 -4.55
CA ALA B 42 8.63 -14.16 -3.90
C ALA B 42 8.14 -15.00 -2.75
N GLN B 43 7.26 -14.42 -1.97
CA GLN B 43 6.80 -15.04 -0.75
C GLN B 43 5.37 -15.54 -0.93
N ALA B 44 4.84 -15.25 -2.11
CA ALA B 44 3.49 -15.64 -2.48
C ALA B 44 3.16 -17.12 -2.23
N PRO B 45 4.01 -18.06 -2.72
CA PRO B 45 3.68 -19.48 -2.64
C PRO B 45 3.88 -20.03 -1.24
N LYS B 46 2.81 -20.02 -0.46
CA LYS B 46 2.86 -20.45 0.92
C LYS B 46 2.02 -21.70 1.11
N GLU C 1 -11.43 -10.20 5.54
CA GLU C 1 -10.77 -10.19 6.86
C GLU C 1 -9.48 -9.40 6.79
N GLY C 2 -9.60 -8.08 6.82
CA GLY C 2 -8.43 -7.24 6.87
C GLY C 2 -8.37 -6.25 5.73
N VAL C 3 -7.22 -5.63 5.57
CA VAL C 3 -7.00 -4.69 4.49
C VAL C 3 -5.85 -5.20 3.62
N LEU C 4 -5.98 -4.97 2.34
CA LEU C 4 -4.98 -5.36 1.37
C LEU C 4 -4.13 -4.15 0.96
N TYR C 5 -2.85 -4.37 0.70
CA TYR C 5 -2.01 -3.30 0.17
C TYR C 5 -2.05 -3.37 -1.34
N VAL C 6 -2.61 -2.35 -1.95
CA VAL C 6 -2.73 -2.33 -3.38
C VAL C 6 -2.17 -1.04 -3.95
N GLY C 7 -1.71 -1.11 -5.17
CA GLY C 7 -1.20 0.05 -5.84
C GLY C 7 -1.83 0.21 -7.20
N SER C 8 -1.59 1.34 -7.83
CA SER C 8 -2.15 1.61 -9.14
C SER C 8 -1.11 2.30 -10.00
N LYS C 9 -0.84 1.69 -11.13
CA LYS C 9 0.20 2.12 -12.03
C LYS C 9 -0.26 3.28 -12.90
N THR C 10 0.29 4.45 -12.66
CA THR C 10 -0.20 5.65 -13.31
C THR C 10 0.96 6.46 -13.90
N LYS C 11 0.78 7.78 -14.05
CA LYS C 11 1.83 8.66 -14.56
C LYS C 11 2.98 8.77 -13.56
N GLU C 12 2.65 8.89 -12.28
CA GLU C 12 3.66 8.79 -11.23
C GLU C 12 4.11 7.34 -11.16
N GLY C 13 3.14 6.47 -11.36
CA GLY C 13 3.37 5.08 -11.63
C GLY C 13 3.06 4.18 -10.47
N VAL C 14 3.01 4.70 -9.26
CA VAL C 14 2.65 3.86 -8.14
C VAL C 14 1.99 4.69 -7.05
N VAL C 15 0.76 4.33 -6.72
CA VAL C 15 0.08 4.89 -5.58
C VAL C 15 -0.19 3.80 -4.57
N HIS C 16 -0.12 4.15 -3.31
CA HIS C 16 -0.28 3.18 -2.25
C HIS C 16 -1.71 3.27 -1.72
N GLY C 17 -2.48 2.25 -2.01
CA GLY C 17 -3.84 2.20 -1.54
C GLY C 17 -4.11 0.93 -0.79
N VAL C 18 -5.35 0.72 -0.42
CA VAL C 18 -5.70 -0.43 0.36
C VAL C 18 -7.03 -1.02 -0.08
N ALA C 19 -7.05 -2.33 -0.22
CA ALA C 19 -8.26 -3.01 -0.57
C ALA C 19 -8.82 -3.67 0.67
N THR C 20 -9.89 -3.11 1.18
CA THR C 20 -10.42 -3.59 2.46
C THR C 20 -11.35 -4.76 2.25
N VAL C 21 -10.92 -5.90 2.73
CA VAL C 21 -11.62 -7.14 2.49
C VAL C 21 -12.42 -7.55 3.73
N ALA C 22 -13.70 -7.79 3.52
CA ALA C 22 -14.60 -8.13 4.61
C ALA C 22 -14.72 -9.64 4.75
N ASP A 1 -15.36 -8.76 -2.74
CA ASP A 1 -15.01 -8.13 -1.46
C ASP A 1 -13.66 -7.45 -1.57
N GLY A 2 -13.48 -6.37 -0.83
CA GLY A 2 -12.24 -5.63 -0.91
C GLY A 2 -12.37 -4.35 -1.70
N GLU A 3 -12.81 -3.28 -1.05
CA GLU A 3 -12.96 -1.99 -1.71
C GLU A 3 -11.74 -1.12 -1.44
N ILE A 4 -11.37 -0.30 -2.40
CA ILE A 4 -10.08 0.38 -2.35
C ILE A 4 -10.18 1.79 -1.81
N PHE A 5 -9.09 2.19 -1.15
CA PHE A 5 -8.91 3.55 -0.65
C PHE A 5 -7.44 3.94 -0.80
N TYR A 6 -7.13 4.87 -1.69
CA TYR A 6 -5.74 5.25 -1.91
C TYR A 6 -5.29 6.34 -0.94
N LEU A 7 -4.07 6.21 -0.44
CA LEU A 7 -3.51 7.21 0.46
C LEU A 7 -2.19 7.73 -0.10
N PRO A 8 -2.23 8.51 -1.19
CA PRO A 8 -1.02 8.99 -1.86
C PRO A 8 -0.39 10.16 -1.12
N ASN A 9 -0.94 10.47 0.04
CA ASN A 9 -0.51 11.65 0.79
C ASN A 9 0.40 11.23 1.91
N LEU A 10 0.17 10.03 2.38
CA LEU A 10 0.81 9.54 3.58
C LEU A 10 2.21 9.06 3.23
N ASN A 11 3.23 9.70 3.79
CA ASN A 11 4.62 9.35 3.48
C ASN A 11 4.90 7.91 3.86
N PRO A 12 5.89 7.27 3.22
CA PRO A 12 6.22 5.85 3.42
C PRO A 12 6.13 5.40 4.88
N ASP A 13 6.56 6.26 5.79
CA ASP A 13 6.54 5.92 7.21
C ASP A 13 5.11 5.80 7.72
N GLN A 14 4.25 6.72 7.30
CA GLN A 14 2.84 6.68 7.66
C GLN A 14 2.17 5.49 6.99
N LEU A 15 2.38 5.39 5.69
CA LEU A 15 1.80 4.35 4.85
C LEU A 15 2.16 2.95 5.37
N CYS A 16 3.43 2.76 5.73
CA CYS A 16 3.87 1.48 6.27
C CYS A 16 3.25 1.22 7.64
N ALA A 17 3.03 2.28 8.39
CA ALA A 17 2.49 2.18 9.75
C ALA A 17 1.07 1.62 9.73
N PHE A 18 0.33 1.89 8.66
CA PHE A 18 -1.06 1.47 8.58
C PHE A 18 -1.17 -0.06 8.69
N PHE A 19 -0.52 -0.79 7.79
CA PHE A 19 -0.69 -2.25 7.77
C PHE A 19 0.09 -2.90 8.90
N HIS A 20 1.07 -2.18 9.44
CA HIS A 20 1.92 -2.71 10.50
C HIS A 20 1.07 -3.10 11.70
N SER A 21 0.11 -2.24 12.01
CA SER A 21 -0.83 -2.48 13.09
C SER A 21 -1.86 -3.51 12.66
N VAL A 22 -2.27 -3.37 11.42
CA VAL A 22 -3.28 -4.22 10.81
C VAL A 22 -2.86 -5.67 10.79
N HIS A 23 -1.70 -5.93 10.22
CA HIS A 23 -1.27 -7.30 9.99
C HIS A 23 -1.05 -8.04 11.31
N ASP A 24 -0.69 -7.29 12.34
CA ASP A 24 -0.57 -7.82 13.69
C ASP A 24 -1.91 -8.37 14.18
N ASP A 25 -2.98 -7.82 13.64
CA ASP A 25 -4.34 -8.13 14.11
C ASP A 25 -5.36 -7.54 13.13
N PRO A 26 -5.75 -8.32 12.12
CA PRO A 26 -6.62 -7.84 11.03
C PRO A 26 -8.04 -7.46 11.50
N SER A 27 -8.28 -7.54 12.80
CA SER A 27 -9.55 -7.14 13.36
C SER A 27 -9.66 -5.61 13.44
N GLN A 28 -8.55 -4.89 13.25
CA GLN A 28 -8.55 -3.43 13.39
C GLN A 28 -8.26 -2.72 12.09
N SER A 29 -8.00 -3.51 11.06
CA SER A 29 -7.70 -3.03 9.73
C SER A 29 -8.63 -1.92 9.27
N ALA A 30 -9.93 -2.11 9.42
CA ALA A 30 -10.91 -1.09 8.99
C ALA A 30 -10.72 0.19 9.78
N ASN A 31 -10.45 0.05 11.07
CA ASN A 31 -10.17 1.18 11.95
C ASN A 31 -8.93 1.88 11.49
N LEU A 32 -7.97 1.06 11.12
CA LEU A 32 -6.65 1.49 10.77
C LEU A 32 -6.69 2.21 9.43
N LEU A 33 -7.38 1.55 8.53
CA LEU A 33 -7.68 2.04 7.21
C LEU A 33 -8.38 3.40 7.33
N ALA A 34 -9.34 3.47 8.23
CA ALA A 34 -10.05 4.70 8.54
C ALA A 34 -9.10 5.84 8.91
N GLU A 35 -8.17 5.57 9.81
CA GLU A 35 -7.20 6.56 10.25
C GLU A 35 -6.25 6.86 9.11
N ALA A 36 -6.07 5.90 8.22
CA ALA A 36 -5.32 6.11 6.99
C ALA A 36 -6.09 7.05 6.07
N LYS A 37 -7.40 6.83 5.98
CA LYS A 37 -8.29 7.65 5.14
C LYS A 37 -8.34 9.03 5.74
N LYS A 38 -8.54 9.01 7.03
CA LYS A 38 -8.58 10.18 7.87
C LYS A 38 -7.30 10.96 7.76
N LEU A 39 -6.19 10.26 7.81
CA LEU A 39 -4.88 10.86 7.66
C LEU A 39 -4.72 11.46 6.29
N ASN A 40 -5.02 10.66 5.30
CA ASN A 40 -5.01 11.08 3.91
C ASN A 40 -5.80 12.36 3.76
N ASP A 41 -6.87 12.44 4.53
CA ASP A 41 -7.78 13.57 4.56
C ASP A 41 -7.21 14.69 5.40
N ALA A 42 -6.56 14.30 6.47
CA ALA A 42 -6.07 15.22 7.48
C ALA A 42 -4.99 16.09 6.93
N GLN A 43 -4.10 15.48 6.17
CA GLN A 43 -2.96 16.21 5.67
C GLN A 43 -3.07 16.55 4.19
N ALA A 44 -3.87 15.74 3.46
CA ALA A 44 -4.09 15.86 2.00
C ALA A 44 -3.45 17.08 1.36
N PRO A 45 -2.14 16.99 1.06
CA PRO A 45 -1.39 18.01 0.35
C PRO A 45 -1.99 18.33 -1.01
N LYS A 46 -2.48 19.55 -1.15
CA LYS A 46 -3.13 19.98 -2.38
C LYS A 46 -2.23 20.93 -3.15
N ASP B 1 -2.27 4.31 -17.52
CA ASP B 1 -3.15 5.14 -16.66
C ASP B 1 -3.89 4.27 -15.66
N GLY B 2 -3.36 4.18 -14.44
CA GLY B 2 -3.99 3.38 -13.41
C GLY B 2 -4.10 1.89 -13.74
N GLU B 3 -3.02 1.13 -13.55
CA GLU B 3 -3.13 -0.31 -13.57
C GLU B 3 -3.07 -0.79 -12.12
N ILE B 4 -4.11 -1.45 -11.66
CA ILE B 4 -4.12 -1.86 -10.27
C ILE B 4 -3.31 -3.12 -10.05
N PHE B 5 -2.54 -3.12 -8.98
CA PHE B 5 -1.74 -4.27 -8.61
C PHE B 5 -1.87 -4.56 -7.13
N TYR B 6 -2.05 -5.83 -6.79
CA TYR B 6 -2.29 -6.21 -5.41
C TYR B 6 -1.07 -6.86 -4.80
N LEU B 7 -0.79 -6.49 -3.56
CA LEU B 7 0.36 -7.02 -2.83
C LEU B 7 -0.11 -7.67 -1.53
N PRO B 8 -0.96 -8.72 -1.61
CA PRO B 8 -1.60 -9.33 -0.43
C PRO B 8 -0.65 -10.17 0.39
N ASN B 9 0.30 -10.77 -0.30
CA ASN B 9 1.20 -11.70 0.32
C ASN B 9 2.37 -10.97 0.96
N LEU B 10 2.58 -9.73 0.56
CA LEU B 10 3.62 -8.93 1.15
C LEU B 10 3.21 -8.42 2.51
N ASN B 11 4.16 -8.50 3.42
CA ASN B 11 3.94 -8.04 4.78
C ASN B 11 4.31 -6.58 4.86
N PRO B 12 3.85 -5.85 5.88
CA PRO B 12 4.18 -4.44 6.05
C PRO B 12 5.65 -4.14 5.78
N ASP B 13 6.52 -5.01 6.28
CA ASP B 13 7.97 -4.82 6.17
C ASP B 13 8.44 -5.03 4.73
N GLN B 14 7.76 -5.92 4.03
CA GLN B 14 8.09 -6.23 2.65
C GLN B 14 7.74 -5.02 1.78
N LEU B 15 6.52 -4.55 2.01
CA LEU B 15 6.00 -3.34 1.38
C LEU B 15 6.82 -2.10 1.75
N CYS B 16 7.38 -2.09 2.96
CA CYS B 16 8.19 -0.94 3.44
C CYS B 16 9.25 -0.54 2.42
N ALA B 17 9.95 -1.54 1.90
CA ALA B 17 11.00 -1.31 0.93
C ALA B 17 10.47 -0.63 -0.31
N PHE B 18 9.30 -1.07 -0.74
CA PHE B 18 8.68 -0.55 -1.96
C PHE B 18 8.50 0.96 -1.89
N PHE B 19 7.78 1.46 -0.88
CA PHE B 19 7.60 2.90 -0.72
C PHE B 19 8.95 3.59 -0.69
N HIS B 20 9.91 2.98 0.00
CA HIS B 20 11.21 3.59 0.18
C HIS B 20 11.92 3.82 -1.14
N SER B 21 11.86 2.83 -2.01
CA SER B 21 12.45 2.97 -3.35
C SER B 21 11.59 3.91 -4.20
N VAL B 22 10.30 3.84 -3.97
CA VAL B 22 9.30 4.55 -4.76
C VAL B 22 9.26 6.04 -4.44
N HIS B 23 9.33 6.38 -3.15
CA HIS B 23 9.31 7.77 -2.73
C HIS B 23 10.67 8.40 -2.98
N ASP B 24 11.71 7.64 -2.71
CA ASP B 24 13.07 8.10 -2.92
C ASP B 24 13.37 8.18 -4.41
N ASP B 25 12.84 7.23 -5.19
CA ASP B 25 13.01 7.28 -6.64
C ASP B 25 11.70 7.06 -7.37
N PRO B 26 10.86 8.09 -7.47
CA PRO B 26 9.59 8.05 -8.21
C PRO B 26 9.80 7.69 -9.69
N SER B 27 10.99 7.99 -10.20
CA SER B 27 11.32 7.76 -11.60
C SER B 27 11.19 6.28 -11.98
N GLN B 28 11.29 5.41 -10.98
CA GLN B 28 11.33 3.98 -11.25
C GLN B 28 10.19 3.24 -10.60
N SER B 29 9.14 3.94 -10.22
CA SER B 29 7.97 3.31 -9.60
C SER B 29 7.52 2.03 -10.36
N ALA B 30 7.80 1.94 -11.66
CA ALA B 30 7.50 0.73 -12.42
C ALA B 30 8.52 -0.37 -12.17
N ASN B 31 9.81 -0.03 -12.16
CA ASN B 31 10.85 -1.00 -11.83
C ASN B 31 10.72 -1.39 -10.37
N LEU B 32 10.38 -0.39 -9.56
CA LEU B 32 10.05 -0.60 -8.16
C LEU B 32 8.82 -1.48 -8.05
N LEU B 33 7.83 -1.21 -8.91
CA LEU B 33 6.61 -2.02 -9.01
C LEU B 33 7.01 -3.45 -9.19
N ALA B 34 7.87 -3.66 -10.15
CA ALA B 34 8.40 -4.95 -10.46
C ALA B 34 8.95 -5.62 -9.23
N GLU B 35 9.63 -4.86 -8.39
CA GLU B 35 10.31 -5.40 -7.23
C GLU B 35 9.34 -5.78 -6.12
N ALA B 36 8.28 -5.01 -5.97
CA ALA B 36 7.26 -5.33 -4.98
C ALA B 36 6.48 -6.55 -5.43
N LYS B 37 6.21 -6.57 -6.71
CA LYS B 37 5.52 -7.67 -7.34
C LYS B 37 6.46 -8.87 -7.42
N LYS B 38 7.75 -8.56 -7.50
CA LYS B 38 8.85 -9.52 -7.40
C LYS B 38 8.89 -10.14 -6.01
N LEU B 39 8.81 -9.29 -5.03
CA LEU B 39 8.80 -9.68 -3.64
C LEU B 39 7.54 -10.42 -3.33
N ASN B 40 6.46 -9.94 -3.91
CA ASN B 40 5.22 -10.66 -3.93
C ASN B 40 5.51 -12.04 -4.50
N ASP B 41 6.19 -12.04 -5.61
CA ASP B 41 6.52 -13.27 -6.35
C ASP B 41 7.45 -14.15 -5.53
N ALA B 42 8.23 -13.50 -4.67
CA ALA B 42 9.24 -14.18 -3.88
C ALA B 42 8.62 -15.04 -2.80
N GLN B 43 7.61 -14.50 -2.16
CA GLN B 43 7.04 -15.10 -0.97
C GLN B 43 5.66 -15.68 -1.22
N ALA B 44 5.06 -15.26 -2.35
CA ALA B 44 3.67 -15.58 -2.68
C ALA B 44 3.30 -17.06 -2.52
N PRO B 45 4.08 -18.00 -3.08
CA PRO B 45 3.75 -19.42 -3.03
C PRO B 45 4.25 -20.07 -1.75
N LYS B 46 3.39 -20.14 -0.75
CA LYS B 46 3.77 -20.71 0.54
C LYS B 46 2.82 -21.84 0.92
N GLU C 1 -11.87 -10.29 6.11
CA GLU C 1 -11.41 -9.52 7.29
C GLU C 1 -9.98 -9.06 7.11
N GLY C 2 -9.81 -7.77 6.84
CA GLY C 2 -8.49 -7.22 6.69
C GLY C 2 -8.41 -6.17 5.62
N VAL C 3 -7.23 -5.62 5.41
CA VAL C 3 -7.01 -4.66 4.35
C VAL C 3 -5.90 -5.17 3.44
N LEU C 4 -6.12 -5.09 2.16
CA LEU C 4 -5.13 -5.52 1.20
C LEU C 4 -4.36 -4.33 0.65
N TYR C 5 -3.04 -4.46 0.63
CA TYR C 5 -2.19 -3.46 0.04
C TYR C 5 -2.35 -3.52 -1.46
N VAL C 6 -2.88 -2.48 -2.01
CA VAL C 6 -3.04 -2.39 -3.45
C VAL C 6 -2.40 -1.13 -3.99
N GLY C 7 -1.96 -1.20 -5.21
CA GLY C 7 -1.40 -0.05 -5.86
C GLY C 7 -2.05 0.19 -7.20
N SER C 8 -1.84 1.36 -7.75
CA SER C 8 -2.39 1.69 -9.05
C SER C 8 -1.34 2.42 -9.86
N LYS C 9 -0.98 1.80 -10.96
CA LYS C 9 0.09 2.25 -11.82
C LYS C 9 -0.36 3.40 -12.70
N THR C 10 0.07 4.60 -12.39
CA THR C 10 -0.49 5.78 -13.06
C THR C 10 0.60 6.74 -13.54
N LYS C 11 0.25 8.02 -13.69
CA LYS C 11 1.19 9.05 -14.13
C LYS C 11 2.24 9.34 -13.05
N GLU C 12 1.81 9.31 -11.78
CA GLU C 12 2.74 9.42 -10.67
C GLU C 12 3.57 8.14 -10.66
N GLY C 13 2.88 7.07 -11.00
CA GLY C 13 3.50 5.86 -11.44
C GLY C 13 3.34 4.72 -10.48
N VAL C 14 3.09 5.01 -9.21
CA VAL C 14 2.63 4.00 -8.26
C VAL C 14 1.92 4.69 -7.10
N VAL C 15 0.67 4.36 -6.86
CA VAL C 15 -0.01 4.86 -5.68
C VAL C 15 -0.26 3.73 -4.71
N HIS C 16 -0.16 4.02 -3.43
CA HIS C 16 -0.36 3.03 -2.40
C HIS C 16 -1.76 3.19 -1.82
N GLY C 17 -2.59 2.21 -2.08
CA GLY C 17 -3.93 2.23 -1.58
C GLY C 17 -4.25 0.98 -0.81
N VAL C 18 -5.51 0.82 -0.45
CA VAL C 18 -5.90 -0.32 0.34
C VAL C 18 -7.23 -0.86 -0.09
N ALA C 19 -7.27 -2.17 -0.27
CA ALA C 19 -8.48 -2.85 -0.60
C ALA C 19 -8.99 -3.55 0.64
N THR C 20 -10.01 -3.01 1.25
CA THR C 20 -10.47 -3.56 2.51
C THR C 20 -11.44 -4.70 2.27
N VAL C 21 -11.01 -5.88 2.65
CA VAL C 21 -11.74 -7.10 2.34
C VAL C 21 -12.64 -7.50 3.49
N ALA C 22 -13.91 -7.68 3.17
CA ALA C 22 -14.92 -8.01 4.16
C ALA C 22 -14.82 -9.48 4.56
N ASP A 1 -17.12 -3.48 0.66
CA ASP A 1 -16.65 -4.89 0.73
C ASP A 1 -15.70 -5.19 -0.41
N GLY A 2 -14.41 -5.32 -0.09
CA GLY A 2 -13.41 -5.52 -1.11
C GLY A 2 -13.25 -4.28 -1.96
N GLU A 3 -13.00 -3.16 -1.32
CA GLU A 3 -12.97 -1.88 -2.00
C GLU A 3 -11.69 -1.12 -1.66
N ILE A 4 -11.27 -0.25 -2.57
CA ILE A 4 -9.97 0.38 -2.48
C ILE A 4 -10.06 1.79 -1.93
N PHE A 5 -9.02 2.16 -1.20
CA PHE A 5 -8.83 3.51 -0.70
C PHE A 5 -7.36 3.90 -0.81
N TYR A 6 -7.04 4.81 -1.72
CA TYR A 6 -5.66 5.20 -1.93
C TYR A 6 -5.23 6.29 -0.93
N LEU A 7 -3.98 6.20 -0.49
CA LEU A 7 -3.42 7.20 0.40
C LEU A 7 -2.12 7.72 -0.20
N PRO A 8 -2.19 8.49 -1.29
CA PRO A 8 -1.00 8.93 -2.03
C PRO A 8 -0.30 10.11 -1.36
N ASN A 9 -0.69 10.40 -0.14
CA ASN A 9 -0.15 11.56 0.56
C ASN A 9 0.71 11.11 1.72
N LEU A 10 0.37 9.96 2.25
CA LEU A 10 0.99 9.46 3.45
C LEU A 10 2.41 8.98 3.14
N ASN A 11 3.39 9.55 3.84
CA ASN A 11 4.78 9.17 3.62
C ASN A 11 4.99 7.72 4.01
N PRO A 12 5.99 7.05 3.42
CA PRO A 12 6.25 5.62 3.63
C PRO A 12 6.09 5.17 5.08
N ASP A 13 6.51 6.01 6.02
CA ASP A 13 6.42 5.67 7.43
C ASP A 13 4.96 5.57 7.87
N GLN A 14 4.15 6.53 7.45
CA GLN A 14 2.73 6.53 7.76
C GLN A 14 2.06 5.34 7.09
N LEU A 15 2.35 5.22 5.79
CA LEU A 15 1.79 4.17 4.96
C LEU A 15 2.15 2.78 5.50
N CYS A 16 3.38 2.63 5.97
CA CYS A 16 3.84 1.39 6.58
C CYS A 16 3.10 1.13 7.89
N ALA A 17 3.01 2.18 8.70
CA ALA A 17 2.39 2.08 10.02
C ALA A 17 0.96 1.56 9.95
N PHE A 18 0.27 1.86 8.85
CA PHE A 18 -1.10 1.44 8.71
C PHE A 18 -1.20 -0.09 8.77
N PHE A 19 -0.55 -0.80 7.86
CA PHE A 19 -0.71 -2.25 7.80
C PHE A 19 0.09 -2.93 8.89
N HIS A 20 1.09 -2.23 9.41
CA HIS A 20 1.94 -2.80 10.46
C HIS A 20 1.10 -3.11 11.68
N SER A 21 0.14 -2.23 11.94
CA SER A 21 -0.80 -2.39 13.02
C SER A 21 -1.85 -3.43 12.64
N VAL A 22 -2.29 -3.31 11.39
CA VAL A 22 -3.31 -4.17 10.82
C VAL A 22 -2.91 -5.63 10.84
N HIS A 23 -1.76 -5.91 10.28
CA HIS A 23 -1.32 -7.28 10.08
C HIS A 23 -1.08 -7.99 11.41
N ASP A 24 -0.70 -7.22 12.41
CA ASP A 24 -0.51 -7.74 13.76
C ASP A 24 -1.83 -8.32 14.29
N ASP A 25 -2.93 -7.80 13.79
CA ASP A 25 -4.25 -8.19 14.26
C ASP A 25 -5.32 -7.52 13.40
N PRO A 26 -5.75 -8.21 12.34
CA PRO A 26 -6.64 -7.63 11.30
C PRO A 26 -8.02 -7.20 11.82
N SER A 27 -8.25 -7.32 13.12
CA SER A 27 -9.50 -6.88 13.72
C SER A 27 -9.58 -5.35 13.79
N GLN A 28 -8.45 -4.68 13.61
CA GLN A 28 -8.42 -3.22 13.66
C GLN A 28 -8.21 -2.60 12.27
N SER A 29 -8.07 -3.46 11.29
CA SER A 29 -7.84 -3.09 9.90
C SER A 29 -8.76 -1.96 9.43
N ALA A 30 -10.06 -2.13 9.59
CA ALA A 30 -11.03 -1.12 9.15
C ALA A 30 -10.79 0.21 9.85
N ASN A 31 -10.44 0.13 11.13
CA ASN A 31 -10.15 1.30 11.95
C ASN A 31 -8.88 1.95 11.47
N LEU A 32 -7.95 1.08 11.14
CA LEU A 32 -6.61 1.48 10.77
C LEU A 32 -6.64 2.16 9.42
N LEU A 33 -7.34 1.49 8.53
CA LEU A 33 -7.63 1.97 7.20
C LEU A 33 -8.29 3.34 7.30
N ALA A 34 -9.23 3.44 8.22
CA ALA A 34 -9.90 4.70 8.53
C ALA A 34 -8.92 5.81 8.87
N GLU A 35 -7.99 5.54 9.78
CA GLU A 35 -6.98 6.50 10.18
C GLU A 35 -6.06 6.79 9.03
N ALA A 36 -5.91 5.82 8.14
CA ALA A 36 -5.18 6.01 6.90
C ALA A 36 -5.94 6.97 6.00
N LYS A 37 -7.25 6.78 5.93
CA LYS A 37 -8.13 7.61 5.11
C LYS A 37 -8.17 9.00 5.71
N LYS A 38 -8.32 8.98 7.00
CA LYS A 38 -8.35 10.14 7.84
C LYS A 38 -7.06 10.93 7.71
N LEU A 39 -5.96 10.21 7.74
CA LEU A 39 -4.64 10.79 7.57
C LEU A 39 -4.50 11.41 6.21
N ASN A 40 -4.83 10.62 5.21
CA ASN A 40 -4.87 11.07 3.82
C ASN A 40 -5.65 12.36 3.75
N ASP A 41 -6.72 12.39 4.50
CA ASP A 41 -7.65 13.51 4.53
C ASP A 41 -7.08 14.65 5.38
N ALA A 42 -6.34 14.26 6.39
CA ALA A 42 -5.81 15.18 7.37
C ALA A 42 -4.72 16.03 6.78
N GLN A 43 -3.84 15.37 6.03
CA GLN A 43 -2.68 16.06 5.51
C GLN A 43 -2.79 16.40 4.03
N ALA A 44 -3.62 15.63 3.30
CA ALA A 44 -3.92 15.83 1.86
C ALA A 44 -3.40 17.15 1.30
N PRO A 45 -2.14 17.15 0.90
CA PRO A 45 -1.46 18.29 0.29
C PRO A 45 -2.17 18.79 -0.97
N LYS A 46 -2.43 20.09 -1.00
CA LYS A 46 -3.03 20.76 -2.16
C LYS A 46 -4.38 20.13 -2.52
N ASP B 1 -2.64 4.28 -17.57
CA ASP B 1 -3.21 5.11 -16.48
C ASP B 1 -4.04 4.26 -15.54
N GLY B 2 -3.55 4.11 -14.31
CA GLY B 2 -4.29 3.35 -13.30
C GLY B 2 -4.39 1.87 -13.62
N GLU B 3 -3.28 1.15 -13.60
CA GLU B 3 -3.31 -0.29 -13.69
C GLU B 3 -3.13 -0.86 -12.29
N ILE B 4 -4.20 -1.33 -11.68
CA ILE B 4 -4.12 -1.79 -10.30
C ILE B 4 -3.30 -3.06 -10.18
N PHE B 5 -2.54 -3.12 -9.09
CA PHE B 5 -1.74 -4.30 -8.77
C PHE B 5 -1.86 -4.59 -7.28
N TYR B 6 -2.09 -5.84 -6.94
CA TYR B 6 -2.32 -6.22 -5.56
C TYR B 6 -1.08 -6.85 -4.96
N LEU B 7 -0.83 -6.53 -3.71
CA LEU B 7 0.30 -7.08 -2.99
C LEU B 7 -0.20 -7.79 -1.71
N PRO B 8 -0.99 -8.87 -1.89
CA PRO B 8 -1.67 -9.58 -0.78
C PRO B 8 -0.72 -10.38 0.08
N ASN B 9 0.34 -10.84 -0.54
CA ASN B 9 1.22 -11.81 0.07
C ASN B 9 2.41 -11.11 0.75
N LEU B 10 2.57 -9.83 0.47
CA LEU B 10 3.59 -9.05 1.12
C LEU B 10 3.15 -8.58 2.49
N ASN B 11 4.12 -8.59 3.39
CA ASN B 11 3.90 -8.11 4.74
C ASN B 11 4.18 -6.63 4.77
N PRO B 12 3.66 -5.90 5.78
CA PRO B 12 3.90 -4.46 5.91
C PRO B 12 5.34 -4.06 5.60
N ASP B 13 6.27 -4.84 6.14
CA ASP B 13 7.71 -4.53 6.02
C ASP B 13 8.19 -4.77 4.60
N GLN B 14 7.61 -5.76 3.95
CA GLN B 14 7.96 -6.12 2.58
C GLN B 14 7.56 -4.96 1.67
N LEU B 15 6.36 -4.49 1.91
CA LEU B 15 5.82 -3.31 1.25
C LEU B 15 6.57 -2.02 1.64
N CYS B 16 7.09 -1.98 2.88
CA CYS B 16 7.78 -0.80 3.40
C CYS B 16 8.85 -0.29 2.43
N ALA B 17 9.65 -1.20 1.93
CA ALA B 17 10.72 -0.84 1.02
C ALA B 17 10.17 -0.28 -0.27
N PHE B 18 9.10 -0.89 -0.77
CA PHE B 18 8.52 -0.51 -2.04
C PHE B 18 8.08 0.96 -2.06
N PHE B 19 7.21 1.36 -1.14
CA PHE B 19 6.76 2.74 -1.11
C PHE B 19 7.84 3.66 -0.57
N HIS B 20 8.85 3.11 0.07
CA HIS B 20 9.98 3.91 0.53
C HIS B 20 10.82 4.34 -0.66
N SER B 21 11.11 3.42 -1.55
CA SER B 21 11.86 3.73 -2.77
C SER B 21 10.98 4.52 -3.73
N VAL B 22 9.70 4.20 -3.71
CA VAL B 22 8.72 4.77 -4.63
C VAL B 22 8.38 6.21 -4.26
N HIS B 23 8.19 6.49 -2.97
CA HIS B 23 7.85 7.83 -2.55
C HIS B 23 9.10 8.70 -2.57
N ASP B 24 10.24 8.08 -2.26
CA ASP B 24 11.50 8.77 -2.31
C ASP B 24 11.93 8.97 -3.75
N ASP B 25 11.68 7.98 -4.60
CA ASP B 25 12.00 8.13 -6.02
C ASP B 25 10.87 7.61 -6.90
N PRO B 26 9.91 8.49 -7.19
CA PRO B 26 8.77 8.18 -8.08
C PRO B 26 9.20 7.94 -9.52
N SER B 27 10.46 8.19 -9.82
CA SER B 27 10.98 8.08 -11.18
C SER B 27 11.10 6.62 -11.61
N GLN B 28 11.07 5.72 -10.65
CA GLN B 28 11.22 4.30 -10.94
C GLN B 28 10.08 3.48 -10.41
N SER B 29 8.97 4.12 -10.11
CA SER B 29 7.81 3.42 -9.55
C SER B 29 7.47 2.14 -10.31
N ALA B 30 7.80 2.08 -11.60
CA ALA B 30 7.57 0.87 -12.39
C ALA B 30 8.65 -0.20 -12.13
N ASN B 31 9.91 0.23 -12.04
CA ASN B 31 10.99 -0.70 -11.69
C ASN B 31 10.82 -1.13 -10.25
N LEU B 32 10.40 -0.18 -9.45
CA LEU B 32 10.01 -0.42 -8.07
C LEU B 32 8.83 -1.39 -8.02
N LEU B 33 7.87 -1.16 -8.93
CA LEU B 33 6.67 -1.99 -9.04
C LEU B 33 7.10 -3.43 -9.19
N ALA B 34 8.03 -3.60 -10.10
CA ALA B 34 8.62 -4.87 -10.39
C ALA B 34 9.09 -5.55 -9.13
N GLU B 35 9.73 -4.79 -8.26
CA GLU B 35 10.36 -5.35 -7.08
C GLU B 35 9.35 -5.76 -6.02
N ALA B 36 8.27 -5.01 -5.92
CA ALA B 36 7.21 -5.32 -4.96
C ALA B 36 6.46 -6.53 -5.46
N LYS B 37 6.23 -6.54 -6.75
CA LYS B 37 5.54 -7.64 -7.38
C LYS B 37 6.48 -8.84 -7.44
N LYS B 38 7.76 -8.55 -7.53
CA LYS B 38 8.83 -9.55 -7.43
C LYS B 38 8.89 -10.12 -6.04
N LEU B 39 8.74 -9.26 -5.07
CA LEU B 39 8.72 -9.65 -3.67
C LEU B 39 7.45 -10.42 -3.37
N ASN B 40 6.38 -9.94 -3.95
CA ASN B 40 5.08 -10.59 -3.84
C ASN B 40 5.13 -11.91 -4.59
N ASP B 41 6.04 -12.00 -5.52
CA ASP B 41 6.37 -13.25 -6.20
C ASP B 41 7.29 -14.09 -5.35
N ALA B 42 8.19 -13.41 -4.66
CA ALA B 42 9.29 -14.05 -3.98
C ALA B 42 8.82 -14.93 -2.82
N GLN B 43 7.88 -14.39 -2.07
CA GLN B 43 7.40 -15.02 -0.85
C GLN B 43 6.08 -15.70 -1.10
N ALA B 44 5.53 -15.44 -2.28
CA ALA B 44 4.23 -15.95 -2.68
C ALA B 44 4.08 -17.46 -2.47
N PRO B 45 5.02 -18.30 -2.95
CA PRO B 45 4.90 -19.74 -2.83
C PRO B 45 5.41 -20.25 -1.49
N LYS B 46 4.57 -21.00 -0.80
CA LYS B 46 4.92 -21.60 0.48
C LYS B 46 5.85 -22.79 0.26
N GLU C 1 -11.83 -9.69 6.04
CA GLU C 1 -11.38 -9.66 7.44
C GLU C 1 -10.08 -8.87 7.58
N GLY C 2 -9.86 -7.93 6.68
CA GLY C 2 -8.64 -7.16 6.74
C GLY C 2 -8.54 -6.15 5.62
N VAL C 3 -7.34 -5.61 5.43
CA VAL C 3 -7.08 -4.65 4.37
C VAL C 3 -5.96 -5.18 3.49
N LEU C 4 -6.08 -5.00 2.19
CA LEU C 4 -5.05 -5.44 1.26
C LEU C 4 -4.27 -4.24 0.71
N TYR C 5 -2.95 -4.37 0.69
CA TYR C 5 -2.11 -3.35 0.10
C TYR C 5 -2.22 -3.45 -1.40
N VAL C 6 -2.78 -2.44 -1.99
CA VAL C 6 -2.92 -2.40 -3.42
C VAL C 6 -2.29 -1.14 -3.98
N GLY C 7 -1.84 -1.23 -5.21
CA GLY C 7 -1.30 -0.09 -5.88
C GLY C 7 -1.97 0.11 -7.22
N SER C 8 -1.75 1.25 -7.82
CA SER C 8 -2.32 1.53 -9.13
C SER C 8 -1.27 2.17 -10.00
N LYS C 9 -1.00 1.52 -11.11
CA LYS C 9 0.04 1.91 -12.02
C LYS C 9 -0.43 3.04 -12.92
N THR C 10 0.08 4.23 -12.68
CA THR C 10 -0.44 5.43 -13.33
C THR C 10 0.67 6.24 -14.00
N LYS C 11 0.44 7.55 -14.14
CA LYS C 11 1.44 8.46 -14.71
C LYS C 11 2.61 8.62 -13.75
N GLU C 12 2.29 8.80 -12.47
CA GLU C 12 3.33 8.78 -11.43
C GLU C 12 3.81 7.34 -11.33
N GLY C 13 2.86 6.45 -11.50
CA GLY C 13 3.14 5.07 -11.81
C GLY C 13 2.86 4.13 -10.67
N VAL C 14 2.83 4.62 -9.45
CA VAL C 14 2.46 3.76 -8.32
C VAL C 14 1.83 4.60 -7.22
N VAL C 15 0.61 4.24 -6.86
CA VAL C 15 -0.03 4.82 -5.70
C VAL C 15 -0.33 3.72 -4.69
N HIS C 16 -0.12 4.02 -3.43
CA HIS C 16 -0.32 3.05 -2.37
C HIS C 16 -1.72 3.19 -1.82
N GLY C 17 -2.53 2.19 -2.08
CA GLY C 17 -3.88 2.20 -1.59
C GLY C 17 -4.19 0.95 -0.82
N VAL C 18 -5.44 0.79 -0.44
CA VAL C 18 -5.83 -0.35 0.35
C VAL C 18 -7.17 -0.89 -0.09
N ALA C 19 -7.22 -2.18 -0.26
CA ALA C 19 -8.44 -2.85 -0.62
C ALA C 19 -8.98 -3.53 0.61
N THR C 20 -10.03 -2.99 1.16
CA THR C 20 -10.55 -3.51 2.41
C THR C 20 -11.49 -4.67 2.15
N VAL C 21 -11.09 -5.84 2.58
CA VAL C 21 -11.78 -7.07 2.25
C VAL C 21 -12.71 -7.50 3.39
N ALA C 22 -13.93 -7.85 3.04
CA ALA C 22 -14.92 -8.28 3.99
C ALA C 22 -14.78 -9.76 4.29
N ASP A 1 -18.05 -4.77 -0.33
CA ASP A 1 -16.73 -5.01 0.32
C ASP A 1 -15.67 -5.28 -0.72
N GLY A 2 -14.44 -5.47 -0.28
CA GLY A 2 -13.32 -5.62 -1.21
C GLY A 2 -13.12 -4.37 -2.03
N GLU A 3 -12.97 -3.25 -1.34
CA GLU A 3 -12.95 -1.95 -1.99
C GLU A 3 -11.68 -1.20 -1.67
N ILE A 4 -11.28 -0.31 -2.57
CA ILE A 4 -9.97 0.31 -2.48
C ILE A 4 -10.05 1.74 -1.97
N PHE A 5 -9.01 2.13 -1.26
CA PHE A 5 -8.85 3.47 -0.75
C PHE A 5 -7.39 3.88 -0.85
N TYR A 6 -7.07 4.81 -1.74
CA TYR A 6 -5.69 5.22 -1.94
C TYR A 6 -5.28 6.31 -0.96
N LEU A 7 -4.04 6.23 -0.48
CA LEU A 7 -3.49 7.23 0.42
C LEU A 7 -2.18 7.76 -0.15
N PRO A 8 -2.25 8.54 -1.24
CA PRO A 8 -1.04 9.02 -1.92
C PRO A 8 -0.36 10.16 -1.19
N ASN A 9 -0.88 10.47 -0.02
CA ASN A 9 -0.41 11.64 0.71
C ASN A 9 0.54 11.20 1.79
N LEU A 10 0.30 10.01 2.28
CA LEU A 10 0.99 9.50 3.45
C LEU A 10 2.37 9.02 3.05
N ASN A 11 3.41 9.58 3.66
CA ASN A 11 4.78 9.19 3.34
C ASN A 11 5.01 7.75 3.74
N PRO A 12 6.07 7.11 3.22
CA PRO A 12 6.36 5.69 3.48
C PRO A 12 6.21 5.31 4.96
N ASP A 13 6.63 6.20 5.84
CA ASP A 13 6.58 5.90 7.29
C ASP A 13 5.13 5.84 7.77
N GLN A 14 4.34 6.85 7.36
CA GLN A 14 2.92 6.90 7.69
C GLN A 14 2.21 5.71 7.06
N LEU A 15 2.47 5.52 5.78
CA LEU A 15 1.86 4.45 5.00
C LEU A 15 2.19 3.06 5.58
N CYS A 16 3.43 2.89 6.02
CA CYS A 16 3.85 1.63 6.65
C CYS A 16 3.12 1.41 7.96
N ALA A 17 2.88 2.50 8.67
CA ALA A 17 2.26 2.43 10.00
C ALA A 17 0.86 1.83 9.92
N PHE A 18 0.16 2.06 8.82
CA PHE A 18 -1.22 1.60 8.69
C PHE A 18 -1.28 0.08 8.77
N PHE A 19 -0.59 -0.63 7.88
CA PHE A 19 -0.72 -2.08 7.82
C PHE A 19 0.05 -2.74 8.96
N HIS A 20 0.99 -2.00 9.53
CA HIS A 20 1.82 -2.51 10.61
C HIS A 20 0.94 -2.94 11.79
N SER A 21 -0.07 -2.12 12.06
CA SER A 21 -1.04 -2.39 13.10
C SER A 21 -2.01 -3.47 12.63
N VAL A 22 -2.42 -3.30 11.38
CA VAL A 22 -3.38 -4.16 10.74
C VAL A 22 -2.93 -5.61 10.69
N HIS A 23 -1.74 -5.82 10.15
CA HIS A 23 -1.26 -7.17 9.91
C HIS A 23 -1.02 -7.92 11.21
N ASP A 24 -0.68 -7.18 12.25
CA ASP A 24 -0.52 -7.75 13.58
C ASP A 24 -1.85 -8.32 14.08
N ASP A 25 -2.94 -7.76 13.58
CA ASP A 25 -4.27 -8.10 14.06
C ASP A 25 -5.32 -7.52 13.13
N PRO A 26 -5.71 -8.28 12.11
CA PRO A 26 -6.60 -7.83 11.04
C PRO A 26 -8.03 -7.50 11.51
N SER A 27 -8.25 -7.57 12.82
CA SER A 27 -9.56 -7.24 13.38
C SER A 27 -9.80 -5.73 13.39
N GLN A 28 -8.72 -4.94 13.32
CA GLN A 28 -8.83 -3.47 13.43
C GLN A 28 -8.52 -2.77 12.12
N SER A 29 -8.13 -3.54 11.13
CA SER A 29 -7.81 -3.06 9.79
C SER A 29 -8.79 -1.98 9.29
N ALA A 30 -10.09 -2.20 9.43
CA ALA A 30 -11.07 -1.22 8.97
C ALA A 30 -10.91 0.11 9.70
N ASN A 31 -10.62 0.00 10.99
CA ASN A 31 -10.35 1.16 11.84
C ASN A 31 -9.08 1.83 11.40
N LEU A 32 -8.12 1.00 11.08
CA LEU A 32 -6.79 1.43 10.77
C LEU A 32 -6.78 2.13 9.42
N LEU A 33 -7.47 1.49 8.50
CA LEU A 33 -7.74 1.99 7.18
C LEU A 33 -8.42 3.36 7.30
N ALA A 34 -9.37 3.44 8.22
CA ALA A 34 -10.04 4.68 8.55
C ALA A 34 -9.04 5.79 8.90
N GLU A 35 -8.13 5.51 9.80
CA GLU A 35 -7.11 6.45 10.22
C GLU A 35 -6.17 6.75 9.08
N ALA A 36 -6.03 5.79 8.17
CA ALA A 36 -5.28 6.00 6.94
C ALA A 36 -6.01 6.99 6.05
N LYS A 37 -7.33 6.82 5.97
CA LYS A 37 -8.21 7.66 5.16
C LYS A 37 -8.25 9.04 5.78
N LYS A 38 -8.39 8.99 7.09
CA LYS A 38 -8.40 10.14 7.96
C LYS A 38 -7.08 10.87 7.89
N LEU A 39 -6.00 10.11 7.83
CA LEU A 39 -4.65 10.66 7.72
C LEU A 39 -4.47 11.33 6.38
N ASN A 40 -4.83 10.57 5.37
CA ASN A 40 -4.82 11.05 3.99
C ASN A 40 -5.53 12.38 3.91
N ASP A 41 -6.59 12.47 4.68
CA ASP A 41 -7.42 13.67 4.78
C ASP A 41 -6.78 14.71 5.66
N ALA A 42 -6.15 14.23 6.71
CA ALA A 42 -5.60 15.08 7.76
C ALA A 42 -4.48 15.93 7.21
N GLN A 43 -3.64 15.31 6.41
CA GLN A 43 -2.48 16.02 5.89
C GLN A 43 -2.63 16.42 4.42
N ALA A 44 -3.48 15.67 3.70
CA ALA A 44 -3.77 15.86 2.26
C ALA A 44 -3.13 17.10 1.64
N PRO A 45 -1.86 16.96 1.24
CA PRO A 45 -1.12 17.98 0.50
C PRO A 45 -1.82 18.32 -0.81
N LYS A 46 -2.25 19.57 -0.94
CA LYS A 46 -2.99 20.02 -2.11
C LYS A 46 -2.05 20.52 -3.20
N ASP B 1 -2.14 3.66 -17.78
CA ASP B 1 -2.47 4.46 -16.58
C ASP B 1 -3.52 3.75 -15.73
N GLY B 2 -3.36 3.85 -14.41
CA GLY B 2 -4.25 3.18 -13.48
C GLY B 2 -4.36 1.67 -13.69
N GLU B 3 -3.24 0.95 -13.65
CA GLU B 3 -3.28 -0.51 -13.67
C GLU B 3 -3.10 -1.03 -12.26
N ILE B 4 -4.17 -1.48 -11.63
CA ILE B 4 -4.09 -1.90 -10.24
C ILE B 4 -3.24 -3.16 -10.08
N PHE B 5 -2.49 -3.20 -8.99
CA PHE B 5 -1.68 -4.35 -8.65
C PHE B 5 -1.80 -4.62 -7.16
N TYR B 6 -2.04 -5.87 -6.80
CA TYR B 6 -2.27 -6.24 -5.41
C TYR B 6 -1.04 -6.88 -4.81
N LEU B 7 -0.76 -6.53 -3.56
CA LEU B 7 0.39 -7.05 -2.84
C LEU B 7 -0.06 -7.70 -1.52
N PRO B 8 -0.92 -8.74 -1.59
CA PRO B 8 -1.53 -9.36 -0.41
C PRO B 8 -0.56 -10.18 0.42
N ASN B 9 0.32 -10.88 -0.27
CA ASN B 9 1.22 -11.80 0.39
C ASN B 9 2.41 -11.07 1.01
N LEU B 10 2.60 -9.83 0.60
CA LEU B 10 3.65 -9.02 1.16
C LEU B 10 3.30 -8.50 2.54
N ASN B 11 4.21 -8.74 3.47
CA ASN B 11 4.09 -8.25 4.83
C ASN B 11 4.32 -6.75 4.84
N PRO B 12 3.92 -6.03 5.91
CA PRO B 12 4.14 -4.58 5.99
C PRO B 12 5.56 -4.20 5.61
N ASP B 13 6.52 -4.97 6.09
CA ASP B 13 7.94 -4.65 5.92
C ASP B 13 8.36 -4.73 4.45
N GLN B 14 7.78 -5.67 3.71
CA GLN B 14 8.06 -5.84 2.29
C GLN B 14 7.72 -4.55 1.55
N LEU B 15 6.49 -4.16 1.78
CA LEU B 15 5.91 -2.94 1.24
C LEU B 15 6.64 -1.70 1.75
N CYS B 16 7.11 -1.76 3.00
CA CYS B 16 7.85 -0.64 3.61
C CYS B 16 8.98 -0.17 2.71
N ALA B 17 9.67 -1.13 2.09
CA ALA B 17 10.75 -0.79 1.19
C ALA B 17 10.22 -0.25 -0.12
N PHE B 18 9.17 -0.89 -0.63
CA PHE B 18 8.61 -0.55 -1.93
C PHE B 18 8.20 0.93 -2.00
N PHE B 19 7.33 1.38 -1.12
CA PHE B 19 6.89 2.77 -1.16
C PHE B 19 7.98 3.71 -0.64
N HIS B 20 8.98 3.15 0.03
CA HIS B 20 10.10 3.96 0.49
C HIS B 20 11.00 4.30 -0.70
N SER B 21 11.28 3.31 -1.52
CA SER B 21 12.07 3.50 -2.73
C SER B 21 11.28 4.28 -3.77
N VAL B 22 9.97 4.03 -3.78
CA VAL B 22 9.04 4.64 -4.71
C VAL B 22 8.80 6.11 -4.38
N HIS B 23 8.68 6.44 -3.10
CA HIS B 23 8.51 7.84 -2.71
C HIS B 23 9.83 8.57 -2.83
N ASP B 24 10.91 7.86 -2.56
CA ASP B 24 12.25 8.42 -2.71
C ASP B 24 12.60 8.56 -4.18
N ASP B 25 12.21 7.57 -4.98
CA ASP B 25 12.41 7.64 -6.44
C ASP B 25 11.12 7.36 -7.19
N PRO B 26 10.26 8.39 -7.31
CA PRO B 26 9.02 8.31 -8.10
C PRO B 26 9.27 8.08 -9.58
N SER B 27 10.54 8.19 -9.97
CA SER B 27 10.96 8.04 -11.35
C SER B 27 10.93 6.59 -11.79
N GLN B 28 10.96 5.68 -10.83
CA GLN B 28 11.08 4.26 -11.15
C GLN B 28 9.98 3.43 -10.54
N SER B 29 8.89 4.05 -10.19
CA SER B 29 7.74 3.35 -9.59
C SER B 29 7.40 2.06 -10.34
N ALA B 30 7.69 2.00 -11.65
CA ALA B 30 7.45 0.78 -12.43
C ALA B 30 8.52 -0.27 -12.17
N ASN B 31 9.79 0.13 -12.17
CA ASN B 31 10.88 -0.80 -11.88
C ASN B 31 10.81 -1.20 -10.42
N LEU B 32 10.41 -0.25 -9.60
CA LEU B 32 10.09 -0.48 -8.20
C LEU B 32 8.89 -1.42 -8.09
N LEU B 33 7.88 -1.19 -8.94
CA LEU B 33 6.68 -2.01 -9.00
C LEU B 33 7.09 -3.44 -9.16
N ALA B 34 7.96 -3.65 -10.12
CA ALA B 34 8.52 -4.93 -10.43
C ALA B 34 9.05 -5.61 -9.20
N GLU B 35 9.68 -4.84 -8.33
CA GLU B 35 10.36 -5.39 -7.16
C GLU B 35 9.37 -5.82 -6.09
N ALA B 36 8.31 -5.06 -5.93
CA ALA B 36 7.28 -5.40 -4.94
C ALA B 36 6.49 -6.58 -5.44
N LYS B 37 6.25 -6.57 -6.74
CA LYS B 37 5.55 -7.65 -7.38
C LYS B 37 6.48 -8.87 -7.48
N LYS B 38 7.76 -8.58 -7.55
CA LYS B 38 8.83 -9.57 -7.46
C LYS B 38 8.89 -10.17 -6.07
N LEU B 39 8.74 -9.32 -5.08
CA LEU B 39 8.75 -9.73 -3.69
C LEU B 39 7.48 -10.48 -3.39
N ASN B 40 6.41 -9.98 -3.96
CA ASN B 40 5.17 -10.71 -3.99
C ASN B 40 5.44 -12.08 -4.57
N ASP B 41 6.11 -12.08 -5.70
CA ASP B 41 6.46 -13.31 -6.42
C ASP B 41 7.39 -14.17 -5.59
N ALA B 42 8.17 -13.49 -4.77
CA ALA B 42 9.22 -14.14 -4.03
C ALA B 42 8.65 -15.03 -2.95
N GLN B 43 7.62 -14.52 -2.30
CA GLN B 43 7.06 -15.17 -1.13
C GLN B 43 5.72 -15.81 -1.44
N ALA B 44 5.03 -15.29 -2.46
CA ALA B 44 3.67 -15.71 -2.78
C ALA B 44 3.52 -17.22 -2.88
N PRO B 45 4.35 -17.90 -3.70
CA PRO B 45 4.30 -19.34 -3.85
C PRO B 45 5.17 -20.04 -2.82
N LYS B 46 4.61 -21.05 -2.16
CA LYS B 46 5.36 -21.80 -1.16
C LYS B 46 5.96 -23.04 -1.81
N GLU C 1 -11.55 -10.39 5.63
CA GLU C 1 -11.48 -9.78 6.97
C GLU C 1 -10.15 -9.08 7.16
N GLY C 2 -9.96 -7.98 6.43
CA GLY C 2 -8.73 -7.23 6.55
C GLY C 2 -8.58 -6.19 5.46
N VAL C 3 -7.42 -5.57 5.40
CA VAL C 3 -7.11 -4.62 4.35
C VAL C 3 -5.98 -5.17 3.51
N LEU C 4 -6.05 -4.94 2.22
CA LEU C 4 -5.02 -5.40 1.30
C LEU C 4 -4.23 -4.23 0.74
N TYR C 5 -2.91 -4.33 0.74
CA TYR C 5 -2.06 -3.33 0.13
C TYR C 5 -2.18 -3.44 -1.36
N VAL C 6 -2.74 -2.43 -1.95
CA VAL C 6 -2.89 -2.38 -3.38
C VAL C 6 -2.27 -1.12 -3.95
N GLY C 7 -1.83 -1.20 -5.17
CA GLY C 7 -1.32 -0.06 -5.85
C GLY C 7 -1.96 0.08 -7.21
N SER C 8 -1.72 1.19 -7.86
CA SER C 8 -2.28 1.41 -9.18
C SER C 8 -1.22 2.02 -10.07
N LYS C 9 -0.96 1.33 -11.17
CA LYS C 9 0.09 1.71 -12.09
C LYS C 9 -0.37 2.83 -12.99
N THR C 10 0.13 4.01 -12.73
CA THR C 10 -0.37 5.22 -13.36
C THR C 10 0.76 6.02 -14.01
N LYS C 11 0.54 7.32 -14.19
CA LYS C 11 1.56 8.21 -14.73
C LYS C 11 2.78 8.28 -13.80
N GLU C 12 2.54 8.39 -12.50
CA GLU C 12 3.63 8.27 -11.52
C GLU C 12 4.06 6.82 -11.47
N GLY C 13 3.05 5.96 -11.58
CA GLY C 13 3.27 4.55 -11.75
C GLY C 13 2.92 3.74 -10.53
N VAL C 14 2.87 4.37 -9.37
CA VAL C 14 2.50 3.64 -8.17
C VAL C 14 1.82 4.56 -7.17
N VAL C 15 0.60 4.22 -6.79
CA VAL C 15 -0.05 4.83 -5.67
C VAL C 15 -0.38 3.75 -4.65
N HIS C 16 -0.17 4.05 -3.39
CA HIS C 16 -0.37 3.08 -2.34
C HIS C 16 -1.76 3.21 -1.78
N GLY C 17 -2.58 2.22 -2.05
CA GLY C 17 -3.92 2.22 -1.56
C GLY C 17 -4.23 0.97 -0.79
N VAL C 18 -5.48 0.81 -0.41
CA VAL C 18 -5.87 -0.32 0.40
C VAL C 18 -7.20 -0.87 -0.04
N ALA C 19 -7.23 -2.18 -0.19
CA ALA C 19 -8.43 -2.86 -0.56
C ALA C 19 -8.99 -3.56 0.65
N THR C 20 -10.06 -3.04 1.19
CA THR C 20 -10.60 -3.59 2.42
C THR C 20 -11.52 -4.77 2.11
N VAL C 21 -11.10 -5.94 2.55
CA VAL C 21 -11.70 -7.19 2.13
C VAL C 21 -12.48 -7.84 3.28
N ALA C 22 -13.69 -8.26 2.98
CA ALA C 22 -14.52 -8.95 3.94
C ALA C 22 -14.49 -10.45 3.70
N ASP A 1 -18.68 -5.82 -0.59
CA ASP A 1 -17.37 -6.44 -0.22
C ASP A 1 -16.32 -5.35 -0.11
N GLY A 2 -15.08 -5.76 0.16
CA GLY A 2 -13.98 -4.82 0.25
C GLY A 2 -13.84 -3.90 -0.94
N GLU A 3 -13.14 -2.83 -0.70
CA GLU A 3 -13.00 -1.77 -1.66
C GLU A 3 -11.66 -1.05 -1.47
N ILE A 4 -11.28 -0.22 -2.42
CA ILE A 4 -9.97 0.40 -2.39
C ILE A 4 -10.03 1.82 -1.84
N PHE A 5 -8.99 2.19 -1.13
CA PHE A 5 -8.79 3.53 -0.63
C PHE A 5 -7.33 3.93 -0.80
N TYR A 6 -7.05 4.82 -1.72
CA TYR A 6 -5.67 5.23 -1.96
C TYR A 6 -5.24 6.31 -0.98
N LEU A 7 -4.02 6.18 -0.47
CA LEU A 7 -3.44 7.17 0.43
C LEU A 7 -2.14 7.68 -0.15
N PRO A 8 -2.19 8.46 -1.23
CA PRO A 8 -0.99 8.93 -1.92
C PRO A 8 -0.31 10.08 -1.20
N ASN A 9 -0.77 10.36 0.00
CA ASN A 9 -0.28 11.51 0.75
C ASN A 9 0.63 11.06 1.86
N LEU A 10 0.35 9.89 2.37
CA LEU A 10 0.99 9.38 3.55
C LEU A 10 2.38 8.87 3.19
N ASN A 11 3.41 9.44 3.83
CA ASN A 11 4.77 9.03 3.52
C ASN A 11 4.99 7.59 3.94
N PRO A 12 6.00 6.93 3.34
CA PRO A 12 6.28 5.51 3.57
C PRO A 12 6.11 5.06 5.02
N ASP A 13 6.55 5.90 5.95
CA ASP A 13 6.50 5.53 7.37
C ASP A 13 5.05 5.46 7.85
N GLN A 14 4.25 6.42 7.42
CA GLN A 14 2.83 6.43 7.74
C GLN A 14 2.14 5.26 7.05
N LEU A 15 2.39 5.17 5.75
CA LEU A 15 1.81 4.13 4.90
C LEU A 15 2.13 2.74 5.44
N CYS A 16 3.37 2.54 5.87
CA CYS A 16 3.79 1.28 6.48
C CYS A 16 3.10 1.07 7.81
N ALA A 17 3.00 2.15 8.59
CA ALA A 17 2.44 2.09 9.92
C ALA A 17 0.99 1.63 9.89
N PHE A 18 0.28 1.96 8.82
CA PHE A 18 -1.12 1.57 8.70
C PHE A 18 -1.26 0.05 8.79
N PHE A 19 -0.60 -0.68 7.90
CA PHE A 19 -0.79 -2.13 7.87
C PHE A 19 -0.02 -2.80 9.00
N HIS A 20 0.97 -2.11 9.54
CA HIS A 20 1.78 -2.67 10.61
C HIS A 20 0.91 -2.96 11.84
N SER A 21 -0.03 -2.08 12.10
CA SER A 21 -0.99 -2.26 13.18
C SER A 21 -2.01 -3.29 12.77
N VAL A 22 -2.43 -3.18 11.52
CA VAL A 22 -3.42 -4.04 10.91
C VAL A 22 -3.00 -5.50 10.92
N HIS A 23 -1.84 -5.76 10.39
CA HIS A 23 -1.38 -7.13 10.21
C HIS A 23 -1.14 -7.82 11.54
N ASP A 24 -0.76 -7.04 12.53
CA ASP A 24 -0.58 -7.55 13.88
C ASP A 24 -1.92 -8.02 14.46
N ASP A 25 -3.00 -7.46 13.94
CA ASP A 25 -4.34 -7.70 14.47
C ASP A 25 -5.38 -7.17 13.49
N PRO A 26 -5.78 -7.99 12.52
CA PRO A 26 -6.64 -7.55 11.40
C PRO A 26 -8.06 -7.17 11.82
N SER A 27 -8.34 -7.26 13.11
CA SER A 27 -9.65 -6.91 13.65
C SER A 27 -9.83 -5.38 13.69
N GLN A 28 -8.71 -4.65 13.62
CA GLN A 28 -8.75 -3.19 13.66
C GLN A 28 -8.48 -2.57 12.29
N SER A 29 -8.29 -3.44 11.31
CA SER A 29 -8.00 -3.06 9.94
C SER A 29 -8.92 -1.96 9.42
N ALA A 30 -10.23 -2.12 9.58
CA ALA A 30 -11.20 -1.12 9.12
C ALA A 30 -10.94 0.23 9.81
N ASN A 31 -10.63 0.16 11.09
CA ASN A 31 -10.32 1.34 11.89
C ASN A 31 -9.05 1.97 11.40
N LEU A 32 -8.11 1.10 11.10
CA LEU A 32 -6.77 1.48 10.75
C LEU A 32 -6.76 2.13 9.39
N LEU A 33 -7.48 1.47 8.51
CA LEU A 33 -7.75 1.93 7.17
C LEU A 33 -8.43 3.30 7.26
N ALA A 34 -9.40 3.39 8.16
CA ALA A 34 -10.08 4.65 8.46
C ALA A 34 -9.09 5.76 8.80
N GLU A 35 -8.18 5.49 9.72
CA GLU A 35 -7.19 6.45 10.13
C GLU A 35 -6.21 6.73 9.00
N ALA A 36 -6.05 5.75 8.13
CA ALA A 36 -5.27 5.94 6.92
C ALA A 36 -5.99 6.91 6.00
N LYS A 37 -7.31 6.72 5.89
CA LYS A 37 -8.17 7.56 5.06
C LYS A 37 -8.18 8.95 5.66
N LYS A 38 -8.42 8.94 6.95
CA LYS A 38 -8.47 10.10 7.80
C LYS A 38 -7.15 10.86 7.76
N LEU A 39 -6.06 10.12 7.76
CA LEU A 39 -4.74 10.70 7.67
C LEU A 39 -4.54 11.34 6.33
N ASN A 40 -4.86 10.58 5.32
CA ASN A 40 -4.84 11.04 3.94
C ASN A 40 -5.57 12.36 3.82
N ASP A 41 -6.67 12.44 4.55
CA ASP A 41 -7.53 13.61 4.58
C ASP A 41 -6.96 14.69 5.49
N ALA A 42 -6.30 14.23 6.55
CA ALA A 42 -5.78 15.10 7.58
C ALA A 42 -4.67 15.96 7.04
N GLN A 43 -3.80 15.33 6.28
CA GLN A 43 -2.64 16.04 5.79
C GLN A 43 -2.75 16.42 4.32
N ALA A 44 -3.54 15.64 3.57
CA ALA A 44 -3.70 15.76 2.10
C ALA A 44 -2.94 16.93 1.45
N PRO A 45 -1.61 16.78 1.30
CA PRO A 45 -0.77 17.74 0.58
C PRO A 45 -1.12 17.80 -0.91
N LYS A 46 -1.02 18.99 -1.47
CA LYS A 46 -1.33 19.20 -2.87
C LYS A 46 -0.42 20.26 -3.45
N ASP B 1 -3.97 4.75 -18.01
CA ASP B 1 -3.32 4.73 -16.69
C ASP B 1 -4.20 4.04 -15.67
N GLY B 2 -3.70 3.89 -14.45
CA GLY B 2 -4.44 3.16 -13.44
C GLY B 2 -4.45 1.66 -13.66
N GLU B 3 -3.28 1.05 -13.72
CA GLU B 3 -3.20 -0.41 -13.79
C GLU B 3 -3.00 -0.96 -12.38
N ILE B 4 -4.07 -1.41 -11.76
CA ILE B 4 -4.03 -1.84 -10.36
C ILE B 4 -3.20 -3.11 -10.18
N PHE B 5 -2.49 -3.16 -9.07
CA PHE B 5 -1.70 -4.31 -8.72
C PHE B 5 -1.80 -4.58 -7.22
N TYR B 6 -2.06 -5.83 -6.86
CA TYR B 6 -2.27 -6.20 -5.47
C TYR B 6 -1.03 -6.83 -4.90
N LEU B 7 -0.74 -6.50 -3.65
CA LEU B 7 0.41 -7.04 -2.95
C LEU B 7 -0.05 -7.72 -1.66
N PRO B 8 -0.91 -8.77 -1.76
CA PRO B 8 -1.52 -9.43 -0.58
C PRO B 8 -0.55 -10.32 0.17
N ASN B 9 0.35 -10.93 -0.57
CA ASN B 9 1.27 -11.88 0.00
C ASN B 9 2.46 -11.16 0.62
N LEU B 10 2.61 -9.89 0.29
CA LEU B 10 3.58 -9.06 0.95
C LEU B 10 3.07 -8.58 2.27
N ASN B 11 3.95 -8.61 3.25
CA ASN B 11 3.62 -8.15 4.58
C ASN B 11 3.95 -6.67 4.67
N PRO B 12 3.38 -5.94 5.64
CA PRO B 12 3.67 -4.51 5.83
C PRO B 12 5.15 -4.19 5.66
N ASP B 13 5.98 -5.02 6.27
CA ASP B 13 7.43 -4.81 6.28
C ASP B 13 8.02 -5.05 4.89
N GLN B 14 7.41 -5.94 4.12
CA GLN B 14 7.84 -6.25 2.77
C GLN B 14 7.54 -5.06 1.87
N LEU B 15 6.32 -4.59 1.98
CA LEU B 15 5.84 -3.41 1.28
C LEU B 15 6.64 -2.15 1.64
N CYS B 16 7.18 -2.12 2.87
CA CYS B 16 7.91 -0.95 3.37
C CYS B 16 8.97 -0.47 2.39
N ALA B 17 9.74 -1.40 1.85
CA ALA B 17 10.81 -1.04 0.92
C ALA B 17 10.25 -0.45 -0.35
N PHE B 18 9.16 -1.04 -0.84
CA PHE B 18 8.59 -0.64 -2.12
C PHE B 18 8.22 0.84 -2.13
N PHE B 19 7.36 1.27 -1.22
CA PHE B 19 6.96 2.67 -1.19
C PHE B 19 8.07 3.56 -0.65
N HIS B 20 9.06 2.97 0.01
CA HIS B 20 10.21 3.73 0.45
C HIS B 20 11.06 4.12 -0.75
N SER B 21 11.31 3.16 -1.64
CA SER B 21 12.07 3.40 -2.86
C SER B 21 11.25 4.22 -3.86
N VAL B 22 9.95 3.98 -3.84
CA VAL B 22 9.00 4.62 -4.72
C VAL B 22 8.77 6.08 -4.33
N HIS B 23 8.73 6.36 -3.03
CA HIS B 23 8.61 7.75 -2.58
C HIS B 23 9.98 8.40 -2.68
N ASP B 24 11.02 7.62 -2.43
CA ASP B 24 12.39 8.06 -2.66
C ASP B 24 12.58 8.44 -4.10
N ASP B 25 12.16 7.55 -5.00
CA ASP B 25 12.29 7.85 -6.43
C ASP B 25 11.09 7.36 -7.21
N PRO B 26 10.05 8.20 -7.31
CA PRO B 26 8.84 7.90 -8.08
C PRO B 26 9.11 7.70 -9.56
N SER B 27 10.28 8.12 -10.01
CA SER B 27 10.64 8.04 -11.42
C SER B 27 10.80 6.58 -11.86
N GLN B 28 10.99 5.69 -10.90
CA GLN B 28 11.15 4.28 -11.20
C GLN B 28 10.04 3.45 -10.62
N SER B 29 8.95 4.08 -10.27
CA SER B 29 7.79 3.40 -9.70
C SER B 29 7.43 2.12 -10.48
N ALA B 30 7.71 2.05 -11.78
CA ALA B 30 7.49 0.82 -12.54
C ALA B 30 8.58 -0.22 -12.28
N ASN B 31 9.84 0.22 -12.25
CA ASN B 31 10.95 -0.68 -11.94
C ASN B 31 10.83 -1.12 -10.49
N LEU B 32 10.40 -0.19 -9.67
CA LEU B 32 10.06 -0.43 -8.28
C LEU B 32 8.86 -1.37 -8.20
N LEU B 33 7.89 -1.15 -9.09
CA LEU B 33 6.70 -2.00 -9.17
C LEU B 33 7.15 -3.43 -9.32
N ALA B 34 8.08 -3.60 -10.24
CA ALA B 34 8.67 -4.89 -10.50
C ALA B 34 9.22 -5.50 -9.24
N GLU B 35 9.80 -4.68 -8.37
CA GLU B 35 10.47 -5.16 -7.18
C GLU B 35 9.47 -5.62 -6.12
N ALA B 36 8.36 -4.91 -6.01
CA ALA B 36 7.32 -5.27 -5.03
C ALA B 36 6.62 -6.50 -5.51
N LYS B 37 6.41 -6.54 -6.80
CA LYS B 37 5.77 -7.67 -7.42
C LYS B 37 6.76 -8.83 -7.48
N LYS B 38 8.05 -8.48 -7.54
CA LYS B 38 9.16 -9.43 -7.40
C LYS B 38 9.22 -9.98 -5.99
N LEU B 39 9.00 -9.12 -5.02
CA LEU B 39 8.97 -9.50 -3.64
C LEU B 39 7.73 -10.32 -3.39
N ASN B 40 6.65 -9.88 -3.99
CA ASN B 40 5.45 -10.67 -4.07
C ASN B 40 5.83 -12.03 -4.63
N ASP B 41 6.57 -12.01 -5.71
CA ASP B 41 7.00 -13.22 -6.40
C ASP B 41 7.94 -14.04 -5.52
N ALA B 42 8.68 -13.32 -4.67
CA ALA B 42 9.71 -13.92 -3.87
C ALA B 42 9.12 -14.80 -2.78
N GLN B 43 8.04 -14.33 -2.20
CA GLN B 43 7.45 -14.96 -1.04
C GLN B 43 6.14 -15.64 -1.38
N ALA B 44 5.60 -15.29 -2.56
CA ALA B 44 4.31 -15.79 -3.02
C ALA B 44 4.14 -17.29 -2.84
N PRO B 45 5.12 -18.11 -3.31
CA PRO B 45 5.03 -19.56 -3.20
C PRO B 45 5.53 -20.04 -1.84
N LYS B 46 4.60 -20.22 -0.92
CA LYS B 46 4.90 -20.65 0.43
C LYS B 46 5.45 -22.08 0.42
N GLU C 1 -12.01 -9.93 8.64
CA GLU C 1 -11.70 -8.51 8.38
C GLU C 1 -10.21 -8.33 8.14
N GLY C 2 -9.88 -7.49 7.17
CA GLY C 2 -8.51 -7.20 6.87
C GLY C 2 -8.41 -6.13 5.80
N VAL C 3 -7.20 -5.67 5.53
CA VAL C 3 -6.98 -4.71 4.47
C VAL C 3 -5.82 -5.18 3.59
N LEU C 4 -5.96 -5.01 2.29
CA LEU C 4 -4.95 -5.42 1.34
C LEU C 4 -4.21 -4.23 0.76
N TYR C 5 -2.89 -4.33 0.69
CA TYR C 5 -2.08 -3.30 0.07
C TYR C 5 -2.22 -3.41 -1.43
N VAL C 6 -2.83 -2.41 -2.02
CA VAL C 6 -2.96 -2.37 -3.46
C VAL C 6 -2.30 -1.12 -4.01
N GLY C 7 -1.83 -1.22 -5.23
CA GLY C 7 -1.29 -0.08 -5.91
C GLY C 7 -1.97 0.11 -7.23
N SER C 8 -1.79 1.28 -7.82
CA SER C 8 -2.37 1.58 -9.11
C SER C 8 -1.33 2.24 -9.98
N LYS C 9 -1.07 1.59 -11.09
CA LYS C 9 -0.03 2.02 -12.01
C LYS C 9 -0.54 3.14 -12.91
N THR C 10 -0.08 4.35 -12.67
CA THR C 10 -0.68 5.51 -13.31
C THR C 10 0.37 6.49 -13.85
N LYS C 11 -0.02 7.77 -13.97
CA LYS C 11 0.85 8.82 -14.49
C LYS C 11 2.05 9.05 -13.56
N GLU C 12 1.78 9.12 -12.25
CA GLU C 12 2.85 9.20 -11.26
C GLU C 12 3.56 7.86 -11.24
N GLY C 13 2.73 6.85 -11.40
CA GLY C 13 3.17 5.53 -11.79
C GLY C 13 2.97 4.49 -10.73
N VAL C 14 2.88 4.87 -9.48
CA VAL C 14 2.49 3.94 -8.41
C VAL C 14 1.86 4.70 -7.26
N VAL C 15 0.64 4.35 -6.92
CA VAL C 15 0.00 4.87 -5.73
C VAL C 15 -0.23 3.75 -4.74
N HIS C 16 -0.11 4.07 -3.47
CA HIS C 16 -0.29 3.09 -2.43
C HIS C 16 -1.68 3.23 -1.85
N GLY C 17 -2.51 2.26 -2.13
CA GLY C 17 -3.85 2.26 -1.62
C GLY C 17 -4.16 1.01 -0.85
N VAL C 18 -5.40 0.85 -0.46
CA VAL C 18 -5.76 -0.31 0.31
C VAL C 18 -7.10 -0.84 -0.12
N ALA C 19 -7.14 -2.14 -0.30
CA ALA C 19 -8.36 -2.81 -0.61
C ALA C 19 -8.80 -3.49 0.66
N THR C 20 -9.86 -3.02 1.23
CA THR C 20 -10.29 -3.59 2.48
C THR C 20 -11.05 -4.87 2.17
N VAL C 21 -11.19 -5.75 3.13
CA VAL C 21 -11.81 -7.03 2.87
C VAL C 21 -12.50 -7.59 4.11
N ALA C 22 -13.76 -7.92 3.93
CA ALA C 22 -14.59 -8.40 5.02
C ALA C 22 -14.38 -9.90 5.23
N ASP A 1 -16.98 -5.57 -0.39
CA ASP A 1 -16.19 -6.81 -0.57
C ASP A 1 -14.91 -6.52 -1.34
N GLY A 2 -13.90 -6.03 -0.63
CA GLY A 2 -12.62 -5.76 -1.24
C GLY A 2 -12.61 -4.44 -1.99
N GLU A 3 -12.81 -3.35 -1.27
CA GLU A 3 -12.88 -2.03 -1.89
C GLU A 3 -11.64 -1.21 -1.58
N ILE A 4 -11.25 -0.34 -2.50
CA ILE A 4 -9.95 0.31 -2.43
C ILE A 4 -10.05 1.73 -1.89
N PHE A 5 -8.99 2.13 -1.19
CA PHE A 5 -8.83 3.47 -0.67
C PHE A 5 -7.37 3.89 -0.82
N TYR A 6 -7.06 4.78 -1.75
CA TYR A 6 -5.68 5.20 -1.97
C TYR A 6 -5.24 6.27 -0.98
N LEU A 7 -4.01 6.14 -0.49
CA LEU A 7 -3.43 7.13 0.41
C LEU A 7 -2.09 7.61 -0.17
N PRO A 8 -2.11 8.38 -1.27
CA PRO A 8 -0.89 8.79 -1.95
C PRO A 8 -0.16 9.89 -1.19
N ASN A 9 -0.71 10.28 -0.06
CA ASN A 9 -0.20 11.44 0.66
C ASN A 9 0.69 11.00 1.80
N LEU A 10 0.34 9.86 2.35
CA LEU A 10 0.96 9.37 3.55
C LEU A 10 2.36 8.87 3.24
N ASN A 11 3.36 9.46 3.88
CA ASN A 11 4.75 9.07 3.63
C ASN A 11 4.97 7.62 4.05
N PRO A 12 5.95 6.94 3.44
CA PRO A 12 6.22 5.52 3.69
C PRO A 12 6.09 5.11 5.16
N ASP A 13 6.53 5.98 6.06
CA ASP A 13 6.49 5.68 7.49
C ASP A 13 5.04 5.58 7.96
N GLN A 14 4.21 6.51 7.49
CA GLN A 14 2.78 6.48 7.79
C GLN A 14 2.11 5.30 7.12
N LEU A 15 2.38 5.19 5.82
CA LEU A 15 1.79 4.14 4.99
C LEU A 15 2.12 2.75 5.54
N CYS A 16 3.36 2.55 5.95
CA CYS A 16 3.77 1.29 6.55
C CYS A 16 3.09 1.09 7.90
N ALA A 17 3.00 2.17 8.67
CA ALA A 17 2.42 2.11 10.00
C ALA A 17 0.99 1.62 9.97
N PHE A 18 0.27 1.92 8.88
CA PHE A 18 -1.11 1.51 8.76
C PHE A 18 -1.22 -0.02 8.84
N PHE A 19 -0.56 -0.74 7.95
CA PHE A 19 -0.71 -2.19 7.91
C PHE A 19 0.08 -2.85 9.03
N HIS A 20 1.06 -2.12 9.56
CA HIS A 20 1.90 -2.64 10.63
C HIS A 20 1.04 -2.98 11.84
N SER A 21 0.04 -2.14 12.09
CA SER A 21 -0.92 -2.36 13.14
C SER A 21 -1.92 -3.43 12.71
N VAL A 22 -2.33 -3.30 11.47
CA VAL A 22 -3.35 -4.15 10.86
C VAL A 22 -2.95 -5.59 10.83
N HIS A 23 -1.78 -5.86 10.28
CA HIS A 23 -1.36 -7.23 10.04
C HIS A 23 -1.11 -7.97 11.35
N ASP A 24 -0.72 -7.22 12.37
CA ASP A 24 -0.55 -7.78 13.70
C ASP A 24 -1.90 -8.21 14.27
N ASP A 25 -2.95 -7.57 13.79
CA ASP A 25 -4.29 -7.73 14.38
C ASP A 25 -5.33 -7.16 13.42
N PRO A 26 -5.83 -7.99 12.50
CA PRO A 26 -6.74 -7.53 11.43
C PRO A 26 -8.11 -7.10 11.93
N SER A 27 -8.32 -7.18 13.24
CA SER A 27 -9.58 -6.78 13.85
C SER A 27 -9.70 -5.25 13.92
N GLN A 28 -8.61 -4.56 13.65
CA GLN A 28 -8.60 -3.10 13.69
C GLN A 28 -8.35 -2.51 12.31
N SER A 29 -8.18 -3.38 11.34
CA SER A 29 -7.91 -3.03 9.95
C SER A 29 -8.84 -1.93 9.45
N ALA A 30 -10.14 -2.06 9.64
CA ALA A 30 -11.10 -1.08 9.18
C ALA A 30 -10.87 0.27 9.85
N ASN A 31 -10.55 0.21 11.14
CA ASN A 31 -10.24 1.40 11.93
C ASN A 31 -8.96 2.04 11.43
N LEU A 32 -8.04 1.17 11.12
CA LEU A 32 -6.70 1.55 10.77
C LEU A 32 -6.71 2.20 9.40
N LEU A 33 -7.42 1.54 8.53
CA LEU A 33 -7.71 1.99 7.18
C LEU A 33 -8.40 3.35 7.27
N ALA A 34 -9.36 3.46 8.17
CA ALA A 34 -10.05 4.71 8.45
C ALA A 34 -9.07 5.83 8.77
N GLU A 35 -8.19 5.61 9.73
CA GLU A 35 -7.20 6.59 10.14
C GLU A 35 -6.24 6.86 9.01
N ALA A 36 -6.08 5.87 8.13
CA ALA A 36 -5.31 6.04 6.91
C ALA A 36 -6.05 6.99 5.97
N LYS A 37 -7.35 6.78 5.85
CA LYS A 37 -8.22 7.59 5.00
C LYS A 37 -8.25 8.99 5.56
N LYS A 38 -8.50 9.00 6.85
CA LYS A 38 -8.56 10.17 7.67
C LYS A 38 -7.25 10.93 7.64
N LEU A 39 -6.15 10.19 7.66
CA LEU A 39 -4.82 10.77 7.54
C LEU A 39 -4.62 11.38 6.20
N ASN A 40 -4.93 10.59 5.20
CA ASN A 40 -4.89 11.02 3.81
C ASN A 40 -5.64 12.32 3.65
N ASP A 41 -6.72 12.43 4.39
CA ASP A 41 -7.58 13.60 4.41
C ASP A 41 -6.97 14.70 5.25
N ALA A 42 -6.33 14.28 6.33
CA ALA A 42 -5.79 15.18 7.33
C ALA A 42 -4.67 16.01 6.75
N GLN A 43 -3.83 15.36 5.98
CA GLN A 43 -2.67 16.05 5.42
C GLN A 43 -2.85 16.39 3.95
N ALA A 44 -3.71 15.64 3.25
CA ALA A 44 -4.00 15.77 1.82
C ALA A 44 -3.42 17.01 1.14
N PRO A 45 -2.16 16.88 0.73
CA PRO A 45 -1.45 17.90 -0.04
C PRO A 45 -1.87 17.91 -1.50
N LYS A 46 -2.52 18.98 -1.92
CA LYS A 46 -3.00 19.09 -3.29
C LYS A 46 -2.26 20.19 -4.02
N ASP B 1 -1.70 4.01 -17.03
CA ASP B 1 -2.76 4.87 -16.45
C ASP B 1 -3.69 4.06 -15.56
N GLY B 2 -3.44 4.09 -14.26
CA GLY B 2 -4.28 3.39 -13.32
C GLY B 2 -4.35 1.89 -13.54
N GLU B 3 -3.20 1.22 -13.53
CA GLU B 3 -3.19 -0.24 -13.58
C GLU B 3 -3.04 -0.79 -12.16
N ILE B 4 -4.12 -1.28 -11.58
CA ILE B 4 -4.08 -1.77 -10.21
C ILE B 4 -3.25 -3.04 -10.07
N PHE B 5 -2.51 -3.12 -8.97
CA PHE B 5 -1.72 -4.28 -8.65
C PHE B 5 -1.83 -4.58 -7.15
N TYR B 6 -2.08 -5.83 -6.81
CA TYR B 6 -2.29 -6.23 -5.44
C TYR B 6 -1.07 -6.89 -4.84
N LEU B 7 -0.78 -6.54 -3.60
CA LEU B 7 0.37 -7.08 -2.89
C LEU B 7 -0.07 -7.76 -1.59
N PRO B 8 -0.94 -8.79 -1.66
CA PRO B 8 -1.54 -9.44 -0.48
C PRO B 8 -0.56 -10.30 0.31
N ASN B 9 0.35 -10.91 -0.40
CA ASN B 9 1.28 -11.85 0.21
C ASN B 9 2.47 -11.12 0.81
N LEU B 10 2.62 -9.86 0.45
CA LEU B 10 3.65 -9.04 1.05
C LEU B 10 3.22 -8.53 2.40
N ASN B 11 4.13 -8.62 3.34
CA ASN B 11 3.89 -8.16 4.68
C ASN B 11 4.23 -6.68 4.76
N PRO B 12 3.71 -5.96 5.78
CA PRO B 12 3.97 -4.53 5.94
C PRO B 12 5.42 -4.16 5.65
N ASP B 13 6.35 -4.97 6.16
CA ASP B 13 7.78 -4.68 6.05
C ASP B 13 8.28 -4.95 4.63
N GLN B 14 7.65 -5.90 3.95
CA GLN B 14 8.00 -6.24 2.59
C GLN B 14 7.61 -5.06 1.70
N LEU B 15 6.41 -4.59 1.92
CA LEU B 15 5.88 -3.40 1.29
C LEU B 15 6.66 -2.15 1.69
N CYS B 16 7.21 -2.15 2.92
CA CYS B 16 7.98 -1.01 3.44
C CYS B 16 9.05 -0.55 2.47
N ALA B 17 9.68 -1.51 1.81
CA ALA B 17 10.74 -1.20 0.86
C ALA B 17 10.17 -0.56 -0.39
N PHE B 18 9.06 -1.11 -0.86
CA PHE B 18 8.48 -0.69 -2.12
C PHE B 18 8.14 0.80 -2.14
N PHE B 19 7.30 1.26 -1.22
CA PHE B 19 6.94 2.66 -1.17
C PHE B 19 8.09 3.51 -0.66
N HIS B 20 9.10 2.87 -0.07
CA HIS B 20 10.28 3.59 0.35
C HIS B 20 11.10 3.97 -0.87
N SER B 21 11.28 3.02 -1.77
CA SER B 21 12.01 3.26 -3.01
C SER B 21 11.19 4.13 -3.94
N VAL B 22 9.88 3.94 -3.88
CA VAL B 22 8.92 4.61 -4.74
C VAL B 22 8.73 6.07 -4.33
N HIS B 23 8.69 6.34 -3.04
CA HIS B 23 8.53 7.72 -2.58
C HIS B 23 9.88 8.43 -2.61
N ASP B 24 10.93 7.66 -2.37
CA ASP B 24 12.29 8.19 -2.41
C ASP B 24 12.72 8.38 -3.86
N ASP B 25 12.30 7.47 -4.73
CA ASP B 25 12.60 7.60 -6.15
C ASP B 25 11.36 7.36 -7.00
N PRO B 26 10.46 8.34 -7.05
CA PRO B 26 9.25 8.29 -7.89
C PRO B 26 9.58 8.16 -9.39
N SER B 27 10.84 8.26 -9.72
CA SER B 27 11.32 8.15 -11.09
C SER B 27 11.10 6.74 -11.64
N GLN B 28 11.07 5.76 -10.74
CA GLN B 28 11.14 4.37 -11.13
C GLN B 28 10.00 3.54 -10.58
N SER B 29 8.90 4.17 -10.27
CA SER B 29 7.74 3.48 -9.72
C SER B 29 7.41 2.17 -10.47
N ALA B 30 7.73 2.09 -11.76
CA ALA B 30 7.52 0.87 -12.52
C ALA B 30 8.59 -0.19 -12.25
N ASN B 31 9.85 0.23 -12.22
CA ASN B 31 10.94 -0.69 -11.88
C ASN B 31 10.81 -1.10 -10.42
N LEU B 32 10.36 -0.15 -9.63
CA LEU B 32 10.00 -0.39 -8.25
C LEU B 32 8.81 -1.34 -8.17
N LEU B 33 7.83 -1.12 -9.06
CA LEU B 33 6.64 -1.96 -9.15
C LEU B 33 7.10 -3.40 -9.29
N ALA B 34 8.01 -3.58 -10.22
CA ALA B 34 8.61 -4.85 -10.50
C ALA B 34 9.13 -5.50 -9.25
N GLU B 35 9.71 -4.70 -8.36
CA GLU B 35 10.36 -5.22 -7.16
C GLU B 35 9.36 -5.68 -6.13
N ALA B 36 8.25 -4.96 -6.03
CA ALA B 36 7.22 -5.32 -5.07
C ALA B 36 6.51 -6.55 -5.56
N LYS B 37 6.29 -6.58 -6.84
CA LYS B 37 5.65 -7.70 -7.49
C LYS B 37 6.63 -8.86 -7.57
N LYS B 38 7.92 -8.50 -7.63
CA LYS B 38 9.01 -9.45 -7.52
C LYS B 38 9.08 -10.04 -6.13
N LEU B 39 8.89 -9.18 -5.15
CA LEU B 39 8.89 -9.58 -3.76
C LEU B 39 7.66 -10.39 -3.46
N ASN B 40 6.56 -9.92 -4.01
CA ASN B 40 5.33 -10.69 -4.03
C ASN B 40 5.65 -12.05 -4.61
N ASP B 41 6.34 -12.03 -5.73
CA ASP B 41 6.69 -13.25 -6.45
C ASP B 41 7.69 -14.08 -5.65
N ALA B 42 8.45 -13.41 -4.81
CA ALA B 42 9.50 -14.07 -4.05
C ALA B 42 8.91 -14.94 -2.95
N GLN B 43 7.89 -14.43 -2.30
CA GLN B 43 7.35 -15.06 -1.13
C GLN B 43 5.99 -15.71 -1.42
N ALA B 44 5.40 -15.31 -2.54
CA ALA B 44 4.07 -15.78 -2.95
C ALA B 44 3.89 -17.29 -2.85
N PRO B 45 4.84 -18.09 -3.40
CA PRO B 45 4.73 -19.54 -3.35
C PRO B 45 5.24 -20.07 -2.02
N LYS B 46 4.31 -20.45 -1.15
CA LYS B 46 4.62 -20.85 0.20
C LYS B 46 5.22 -22.24 0.23
N GLU C 1 -11.99 -10.56 6.30
CA GLU C 1 -11.98 -9.26 7.00
C GLU C 1 -10.56 -8.77 7.23
N GLY C 2 -10.23 -7.64 6.60
CA GLY C 2 -8.91 -7.07 6.73
C GLY C 2 -8.67 -6.02 5.66
N VAL C 3 -7.42 -5.60 5.51
CA VAL C 3 -7.06 -4.66 4.45
C VAL C 3 -5.91 -5.22 3.61
N LEU C 4 -6.01 -5.04 2.31
CA LEU C 4 -4.97 -5.47 1.39
C LEU C 4 -4.21 -4.27 0.82
N TYR C 5 -2.89 -4.37 0.78
CA TYR C 5 -2.06 -3.35 0.16
C TYR C 5 -2.19 -3.46 -1.34
N VAL C 6 -2.76 -2.45 -1.93
CA VAL C 6 -2.90 -2.40 -3.37
C VAL C 6 -2.25 -1.14 -3.91
N GLY C 7 -1.81 -1.23 -5.14
CA GLY C 7 -1.26 -0.09 -5.82
C GLY C 7 -1.96 0.14 -7.13
N SER C 8 -1.78 1.31 -7.69
CA SER C 8 -2.36 1.63 -8.98
C SER C 8 -1.32 2.32 -9.83
N LYS C 9 -1.05 1.70 -10.96
CA LYS C 9 0.01 2.12 -11.84
C LYS C 9 -0.43 3.28 -12.73
N THR C 10 0.03 4.48 -12.41
CA THR C 10 -0.55 5.69 -13.01
C THR C 10 0.52 6.66 -13.54
N LYS C 11 0.16 7.94 -13.61
CA LYS C 11 1.05 9.00 -14.09
C LYS C 11 2.28 9.17 -13.17
N GLU C 12 2.05 9.23 -11.86
CA GLU C 12 3.15 9.26 -10.91
C GLU C 12 3.77 7.87 -10.92
N GLY C 13 2.91 6.91 -11.12
CA GLY C 13 3.29 5.60 -11.57
C GLY C 13 3.01 4.53 -10.57
N VAL C 14 2.91 4.89 -9.30
CA VAL C 14 2.49 3.94 -8.28
C VAL C 14 1.85 4.68 -7.12
N VAL C 15 0.60 4.35 -6.82
CA VAL C 15 -0.04 4.88 -5.63
C VAL C 15 -0.31 3.76 -4.65
N HIS C 16 -0.15 4.06 -3.39
CA HIS C 16 -0.33 3.07 -2.34
C HIS C 16 -1.73 3.19 -1.78
N GLY C 17 -2.55 2.21 -2.06
CA GLY C 17 -3.90 2.21 -1.57
C GLY C 17 -4.19 0.97 -0.78
N VAL C 18 -5.44 0.80 -0.42
CA VAL C 18 -5.81 -0.35 0.39
C VAL C 18 -7.14 -0.91 -0.06
N ALA C 19 -7.16 -2.20 -0.25
CA ALA C 19 -8.37 -2.90 -0.61
C ALA C 19 -8.89 -3.59 0.61
N THR C 20 -9.94 -3.08 1.18
CA THR C 20 -10.44 -3.64 2.42
C THR C 20 -11.36 -4.80 2.12
N VAL C 21 -10.92 -5.97 2.54
CA VAL C 21 -11.58 -7.21 2.21
C VAL C 21 -12.53 -7.65 3.32
N ALA C 22 -13.75 -7.99 2.93
CA ALA C 22 -14.75 -8.45 3.86
C ALA C 22 -14.71 -9.98 3.94
#